data_4BX8
#
_entry.id   4BX8
#
_cell.length_a   71.470
_cell.length_b   125.010
_cell.length_c   83.280
_cell.angle_alpha   90.00
_cell.angle_beta   115.33
_cell.angle_gamma   90.00
#
_symmetry.space_group_name_H-M   'P 1 21 1'
#
loop_
_entity.id
_entity.type
_entity.pdbx_description
1 polymer 'VACUOLAR PROTEIN SORTING-ASSOCIATED PROTEIN 33A'
2 non-polymer 'CHLORIDE ION'
3 water water
#
_entity_poly.entity_id   1
_entity_poly.type   'polypeptide(L)'
_entity_poly.pdbx_seq_one_letter_code
;MAAHLSYGRVNLNVLREAVRRELREFLDKCAGSKAIVWDEYLTGPFGLIAQYSLLKEHEVEKMFTLKGNRLPAADVKNII
FFVRPRLELMDIIAENVLSEDRRGPTRDFHILFVPRRSLLCEQRLKDLGVLGSFIHREEYSLDLIPFDGDLLSMESEGAF
KECYLEGDQTSLYHAAKGLMTLQALYGTIPQIFGKGECARQVANMMIRMKREFTGSQNSIFPVFDNLLLLDRNVDLLTPL
ATQLTYEGLIDEIYGIQNSYVKLPPEKFAPKKQGDGGKDLPTEAKKLQLNSAEELYAEIRDKNFNAVGSVLSKKAKIISA
AFEERHNAKTVGEIKQFVSQLPHMQAARGSLANHTSIAELIKDVTTSEDFFDKLTVEQEFMSGIDTDKVNNYIEDCIAQK
HSLIKVLRLVCLQSVCNSGLKQKVLDYYKREILQTYGYEHILTLHNLEKAGLLKPQTGGRNNYPTIRKTLRLWMDDVNEQ
NPTDISYVYSGYAPLSVRLAQLLSRPGWRSIEEVLRILPGPHFEERQPLPTGLQKKRQPGENRVTLIFFLGGVTFAEIAA
LRFLSQLEDGGTEYVIATTKLMNGTSWIEALMEKPFHHHHHHHHHHH
;
_entity_poly.pdbx_strand_id   A,B
#
# COMPACT_ATOMS: atom_id res chain seq x y z
N ALA A 2 21.03 6.01 18.50
CA ALA A 2 19.72 6.36 17.87
C ALA A 2 19.06 5.07 17.35
N ALA A 3 17.98 4.66 18.00
CA ALA A 3 17.30 3.40 17.66
C ALA A 3 16.81 3.36 16.22
N HIS A 4 16.37 4.51 15.69
CA HIS A 4 15.88 4.54 14.31
C HIS A 4 16.93 4.20 13.25
N LEU A 5 18.21 4.35 13.56
CA LEU A 5 19.26 3.97 12.61
C LEU A 5 19.45 2.46 12.47
N SER A 6 18.75 1.69 13.30
CA SER A 6 18.84 0.24 13.27
C SER A 6 17.51 -0.35 12.83
N TYR A 7 17.44 -0.73 11.55
CA TYR A 7 16.21 -1.27 10.99
C TYR A 7 16.43 -2.68 10.49
N GLY A 8 15.74 -3.62 11.15
CA GLY A 8 15.94 -5.04 10.95
C GLY A 8 17.40 -5.40 11.14
N ARG A 9 18.04 -5.80 10.04
CA ARG A 9 19.36 -6.44 10.04
C ARG A 9 20.55 -5.46 9.92
N VAL A 10 20.27 -4.24 9.44
CA VAL A 10 21.27 -3.20 9.19
C VAL A 10 21.26 -2.19 10.33
N ASN A 11 22.29 -2.22 11.15
CA ASN A 11 22.41 -1.26 12.25
C ASN A 11 23.39 -0.17 11.83
N LEU A 12 22.86 0.96 11.40
CA LEU A 12 23.71 2.07 10.96
C LEU A 12 24.32 2.91 12.09
N ASN A 13 24.06 2.58 13.35
CA ASN A 13 24.83 3.12 14.45
C ASN A 13 26.28 2.69 14.40
N VAL A 14 26.56 1.52 13.83
CA VAL A 14 27.94 1.05 13.76
C VAL A 14 28.73 2.09 12.97
N LEU A 15 28.17 2.55 11.86
CA LEU A 15 28.82 3.53 11.00
C LEU A 15 28.89 4.88 11.69
N ARG A 16 27.75 5.33 12.19
CA ARG A 16 27.71 6.63 12.87
C ARG A 16 28.60 6.66 14.09
N GLU A 17 28.60 5.59 14.88
CA GLU A 17 29.42 5.58 16.09
C GLU A 17 30.89 5.56 15.71
N ALA A 18 31.21 4.93 14.58
CA ALA A 18 32.60 4.86 14.10
C ALA A 18 33.14 6.24 13.70
N VAL A 19 32.35 7.02 12.96
CA VAL A 19 32.78 8.33 12.52
C VAL A 19 32.75 9.29 13.71
N ARG A 20 31.77 9.15 14.60
CA ARG A 20 31.78 9.89 15.88
C ARG A 20 33.01 9.60 16.76
N ARG A 21 33.56 8.38 16.67
CA ARG A 21 34.78 8.07 17.39
C ARG A 21 35.99 8.71 16.70
N GLU A 22 36.14 8.55 15.38
CA GLU A 22 37.29 9.15 14.67
C GLU A 22 37.36 10.65 14.92
N LEU A 23 36.20 11.27 15.02
CA LEU A 23 36.08 12.70 15.28
C LEU A 23 36.66 13.05 16.63
N ARG A 24 36.18 12.38 17.67
CA ARG A 24 36.69 12.59 19.02
C ARG A 24 38.20 12.44 18.99
N GLU A 25 38.67 11.32 18.42
CA GLU A 25 40.10 10.99 18.42
C GLU A 25 40.90 12.10 17.77
N PHE A 26 40.41 12.62 16.64
CA PHE A 26 41.06 13.74 15.99
C PHE A 26 41.01 15.05 16.79
N LEU A 27 39.90 15.31 17.47
CA LEU A 27 39.83 16.51 18.32
C LEU A 27 40.84 16.41 19.50
N ASP A 28 40.97 15.23 20.08
CA ASP A 28 41.94 15.00 21.16
C ASP A 28 43.39 15.23 20.70
N LYS A 29 43.66 14.91 19.43
CA LYS A 29 44.96 15.11 18.79
C LYS A 29 45.32 16.59 18.64
N CYS A 30 44.33 17.48 18.54
CA CYS A 30 44.59 18.93 18.56
C CYS A 30 44.32 19.46 19.97
N ALA A 31 45.06 18.93 20.93
CA ALA A 31 44.83 19.20 22.35
C ALA A 31 44.87 20.68 22.70
N GLY A 32 44.19 21.06 23.78
CA GLY A 32 44.00 22.47 24.13
C GLY A 32 42.74 22.97 23.45
N SER A 33 42.28 24.15 23.83
CA SER A 33 41.06 24.71 23.25
C SER A 33 41.14 24.91 21.74
N LYS A 34 39.95 24.90 21.10
CA LYS A 34 39.80 24.88 19.65
C LYS A 34 38.66 25.76 19.18
N ALA A 35 38.88 26.42 18.05
CA ALA A 35 37.77 26.94 17.28
C ALA A 35 37.81 26.30 15.89
N ILE A 36 36.66 25.80 15.44
CA ILE A 36 36.54 25.20 14.12
C ILE A 36 36.03 26.24 13.13
N VAL A 37 36.67 26.30 11.98
CA VAL A 37 36.25 27.19 10.90
C VAL A 37 35.68 26.32 9.83
N TRP A 38 34.37 26.44 9.59
CA TRP A 38 33.60 25.56 8.72
C TRP A 38 33.38 26.09 7.32
N ASP A 39 33.87 25.34 6.34
CA ASP A 39 33.36 25.38 4.98
C ASP A 39 31.82 25.25 5.09
N GLU A 40 31.10 26.24 4.60
CA GLU A 40 29.70 26.40 4.88
C GLU A 40 28.92 25.13 4.55
N TYR A 41 29.19 24.63 3.36
CA TYR A 41 28.58 23.45 2.82
C TYR A 41 28.58 22.21 3.72
N LEU A 42 29.57 22.07 4.60
CA LEU A 42 29.62 20.93 5.51
C LEU A 42 28.74 21.04 6.76
N THR A 43 28.35 22.23 7.19
CA THR A 43 27.72 22.36 8.52
C THR A 43 26.43 21.53 8.66
N GLY A 44 25.55 21.62 7.65
CA GLY A 44 24.24 20.90 7.63
C GLY A 44 24.38 19.38 7.77
N PRO A 45 25.09 18.71 6.83
CA PRO A 45 25.34 17.25 6.88
C PRO A 45 25.98 16.76 8.17
N PHE A 46 26.95 17.51 8.67
CA PHE A 46 27.59 17.16 9.91
C PHE A 46 26.61 17.05 11.05
N GLY A 47 25.55 17.83 11.00
CA GLY A 47 24.56 17.83 12.09
C GLY A 47 24.04 16.44 12.38
N LEU A 48 24.05 15.57 11.37
CA LEU A 48 23.56 14.17 11.50
C LEU A 48 24.53 13.25 12.20
N ILE A 49 25.77 13.68 12.33
CA ILE A 49 26.85 12.90 12.97
C ILE A 49 27.08 13.41 14.40
N ALA A 50 27.23 14.72 14.55
CA ALA A 50 27.39 15.30 15.87
C ALA A 50 26.87 16.72 15.96
N GLN A 51 26.38 17.05 17.15
CA GLN A 51 25.87 18.36 17.50
C GLN A 51 26.96 19.11 18.29
N TYR A 52 26.68 20.36 18.68
CA TYR A 52 27.65 21.15 19.46
C TYR A 52 27.95 20.51 20.81
N SER A 53 26.94 19.90 21.42
CA SER A 53 27.11 19.26 22.73
C SER A 53 28.35 18.37 22.76
N LEU A 54 28.50 17.51 21.74
CA LEU A 54 29.68 16.63 21.61
C LEU A 54 30.99 17.40 21.43
N LEU A 55 30.98 18.41 20.56
CA LEU A 55 32.20 19.16 20.29
C LEU A 55 32.67 19.94 21.51
N LYS A 56 31.72 20.45 22.30
CA LYS A 56 32.06 21.11 23.57
C LYS A 56 32.81 20.16 24.49
N GLU A 57 32.38 18.88 24.52
CA GLU A 57 33.06 17.82 25.31
C GLU A 57 34.56 17.75 25.03
N HIS A 58 34.98 18.14 23.82
CA HIS A 58 36.39 18.13 23.42
C HIS A 58 36.95 19.54 23.21
N GLU A 59 36.59 20.45 24.11
CA GLU A 59 37.12 21.83 24.15
C GLU A 59 37.04 22.63 22.85
N VAL A 60 36.03 22.37 22.03
CA VAL A 60 35.71 23.29 20.95
C VAL A 60 34.86 24.39 21.55
N GLU A 61 35.49 25.52 21.84
CA GLU A 61 34.79 26.61 22.50
C GLU A 61 34.10 27.58 21.52
N LYS A 62 34.41 27.50 20.22
CA LYS A 62 33.84 28.43 19.21
C LYS A 62 33.81 27.84 17.81
N MET A 63 32.86 28.33 16.99
CA MET A 63 32.68 27.86 15.62
C MET A 63 32.36 28.99 14.65
N PHE A 64 33.15 29.13 13.60
CA PHE A 64 32.93 30.17 12.59
C PHE A 64 32.72 29.55 11.23
N THR A 65 32.34 30.39 10.29
CA THR A 65 32.14 29.99 8.90
C THR A 65 33.30 30.54 8.14
N LEU A 66 33.80 29.75 7.20
CA LEU A 66 34.93 30.15 6.40
C LEU A 66 34.44 31.30 5.55
N LYS A 67 34.83 32.52 5.91
CA LYS A 67 34.48 33.74 5.13
C LYS A 67 35.69 34.32 4.44
N GLY A 68 36.84 34.28 5.10
CA GLY A 68 38.05 34.89 4.54
C GLY A 68 38.39 36.18 5.24
N ASN A 69 39.44 36.82 4.74
CA ASN A 69 40.09 37.94 5.39
C ASN A 69 40.64 37.51 6.75
N ARG A 70 40.14 38.11 7.81
CA ARG A 70 40.68 37.89 9.13
C ARG A 70 39.72 37.06 9.92
N LEU A 71 40.26 36.15 10.69
CA LEU A 71 39.47 35.37 11.60
C LEU A 71 39.13 36.22 12.83
N PRO A 72 37.91 36.05 13.35
CA PRO A 72 37.60 36.74 14.61
C PRO A 72 38.58 36.35 15.69
N ALA A 73 38.91 37.29 16.58
CA ALA A 73 39.77 36.96 17.71
C ALA A 73 39.01 36.01 18.63
N ALA A 74 39.77 35.26 19.42
CA ALA A 74 39.20 34.23 20.28
C ALA A 74 40.35 33.56 21.00
N ASP A 75 40.27 33.52 22.32
CA ASP A 75 41.36 33.03 23.15
C ASP A 75 41.34 31.51 23.16
N VAL A 76 41.69 30.92 22.02
CA VAL A 76 41.90 29.48 21.90
C VAL A 76 43.31 29.21 21.43
N LYS A 77 43.85 28.06 21.83
CA LYS A 77 45.17 27.63 21.38
C LYS A 77 45.13 27.12 19.93
N ASN A 78 43.96 26.66 19.47
CA ASN A 78 43.87 26.04 18.16
C ASN A 78 42.82 26.65 17.30
N ILE A 79 43.13 26.72 16.01
CA ILE A 79 42.16 26.97 14.97
C ILE A 79 42.18 25.81 14.02
N ILE A 80 41.03 25.22 13.77
CA ILE A 80 40.94 24.04 12.90
C ILE A 80 39.98 24.30 11.75
N PHE A 81 40.47 24.17 10.53
CA PHE A 81 39.61 24.29 9.38
C PHE A 81 39.03 22.92 9.08
N PHE A 82 37.69 22.82 9.01
CA PHE A 82 36.99 21.64 8.50
C PHE A 82 36.53 22.04 7.12
N VAL A 83 37.21 21.55 6.10
CA VAL A 83 36.97 22.02 4.76
C VAL A 83 36.88 20.83 3.80
N ARG A 84 36.20 21.02 2.68
CA ARG A 84 36.19 20.05 1.61
C ARG A 84 37.43 20.29 0.78
N PRO A 85 37.94 19.24 0.11
CA PRO A 85 39.15 19.39 -0.71
C PRO A 85 38.87 20.09 -2.03
N ARG A 86 38.71 21.41 -1.99
CA ARG A 86 38.44 22.20 -3.19
C ARG A 86 39.37 23.40 -3.19
N LEU A 87 39.75 23.88 -4.37
CA LEU A 87 40.85 24.86 -4.50
C LEU A 87 40.49 26.28 -4.10
N GLU A 88 39.31 26.72 -4.53
CA GLU A 88 38.77 28.04 -4.20
C GLU A 88 38.87 28.31 -2.69
N LEU A 89 38.50 27.31 -1.90
CA LEU A 89 38.53 27.38 -0.44
C LEU A 89 39.95 27.50 0.14
N MET A 90 40.90 26.77 -0.44
CA MET A 90 42.31 26.85 -0.05
C MET A 90 42.82 28.29 -0.07
N ASP A 91 42.51 29.04 -1.13
CA ASP A 91 42.85 30.47 -1.19
C ASP A 91 42.29 31.23 0.01
N ILE A 92 41.04 30.98 0.35
CA ILE A 92 40.41 31.67 1.48
C ILE A 92 41.12 31.27 2.77
N ILE A 93 41.49 30.00 2.89
CA ILE A 93 42.21 29.52 4.07
C ILE A 93 43.52 30.28 4.23
N ALA A 94 44.21 30.54 3.12
CA ALA A 94 45.49 31.25 3.16
C ALA A 94 45.32 32.68 3.69
N GLU A 95 44.36 33.43 3.15
CA GLU A 95 44.03 34.75 3.67
C GLU A 95 43.98 34.69 5.19
N ASN A 96 43.25 33.70 5.72
CA ASN A 96 43.11 33.55 7.17
C ASN A 96 44.44 33.31 7.89
N VAL A 97 45.29 32.47 7.31
CA VAL A 97 46.57 32.18 7.95
C VAL A 97 47.50 33.39 7.91
N LEU A 98 47.44 34.17 6.84
CA LEU A 98 48.34 35.32 6.64
C LEU A 98 47.78 36.59 7.30
N SER A 99 46.45 36.70 7.37
CA SER A 99 45.75 37.80 8.06
C SER A 99 45.81 37.70 9.59
N GLU A 100 46.70 36.84 10.10
CA GLU A 100 46.88 36.69 11.52
C GLU A 100 47.33 38.00 12.12
N ASP A 101 46.52 38.46 13.06
CA ASP A 101 46.88 39.54 13.96
C ASP A 101 48.14 39.11 14.76
N ARG A 102 49.19 39.93 14.71
CA ARG A 102 50.41 39.68 15.49
C ARG A 102 50.36 40.34 16.88
N ARG A 103 49.26 41.04 17.17
CA ARG A 103 49.03 41.76 18.42
C ARG A 103 48.28 40.87 19.41
N GLY A 104 48.08 39.60 19.05
CA GLY A 104 47.58 38.59 19.97
C GLY A 104 48.55 37.43 20.13
N PRO A 105 48.19 36.46 20.99
CA PRO A 105 48.99 35.24 21.06
C PRO A 105 48.85 34.45 19.76
N THR A 106 49.87 33.69 19.39
CA THR A 106 49.84 32.88 18.17
C THR A 106 48.89 31.70 18.34
N ARG A 107 48.02 31.51 17.36
CA ARG A 107 47.08 30.39 17.37
C ARG A 107 47.60 29.35 16.41
N ASP A 108 47.51 28.10 16.83
CA ASP A 108 48.07 27.03 16.04
C ASP A 108 47.02 26.64 15.06
N PHE A 109 47.48 26.32 13.85
CA PHE A 109 46.59 26.02 12.76
C PHE A 109 46.65 24.55 12.41
N HIS A 110 45.46 24.01 12.16
CA HIS A 110 45.28 22.64 11.74
C HIS A 110 44.20 22.61 10.65
N ILE A 111 44.23 21.58 9.84
CA ILE A 111 43.26 21.46 8.79
C ILE A 111 42.75 20.01 8.78
N LEU A 112 41.45 19.86 8.58
CA LEU A 112 40.84 18.54 8.50
C LEU A 112 40.11 18.48 7.19
N PHE A 113 40.65 17.73 6.24
CA PHE A 113 39.99 17.59 4.95
C PHE A 113 38.86 16.60 5.10
N VAL A 114 37.69 16.95 4.51
CA VAL A 114 36.48 16.12 4.54
C VAL A 114 35.97 15.90 3.13
N PRO A 115 35.92 14.63 2.67
CA PRO A 115 36.26 13.40 3.38
C PRO A 115 37.76 13.04 3.44
N ARG A 116 38.57 13.65 2.58
CA ARG A 116 39.99 13.32 2.53
C ARG A 116 40.77 14.36 1.76
N ARG A 117 42.09 14.36 1.90
CA ARG A 117 42.90 15.38 1.24
C ARG A 117 42.88 15.15 -0.26
N SER A 118 43.47 16.05 -1.01
CA SER A 118 43.79 15.82 -2.42
C SER A 118 45.18 16.37 -2.65
N LEU A 119 45.91 15.78 -3.60
CA LEU A 119 47.22 16.28 -4.01
C LEU A 119 47.19 17.76 -4.48
N LEU A 120 46.27 18.08 -5.38
CA LEU A 120 46.13 19.43 -5.96
C LEU A 120 46.01 20.52 -4.92
N CYS A 121 45.22 20.22 -3.89
CA CYS A 121 44.93 21.19 -2.82
C CYS A 121 46.16 21.60 -2.05
N GLU A 122 46.89 20.61 -1.57
CA GLU A 122 48.08 20.84 -0.79
C GLU A 122 49.12 21.59 -1.61
N GLN A 123 49.14 21.37 -2.93
CA GLN A 123 49.98 22.17 -3.83
C GLN A 123 49.54 23.64 -3.84
N ARG A 124 48.25 23.90 -3.70
CA ARG A 124 47.78 25.28 -3.62
C ARG A 124 48.28 25.95 -2.38
N LEU A 125 48.29 25.19 -1.29
CA LEU A 125 48.68 25.72 0.01
C LEU A 125 50.19 25.92 0.06
N LYS A 126 50.95 24.98 -0.52
CA LYS A 126 52.42 25.09 -0.60
C LYS A 126 52.85 26.27 -1.49
N ASP A 127 52.13 26.48 -2.60
CA ASP A 127 52.40 27.56 -3.54
C ASP A 127 52.01 28.91 -2.93
N LEU A 128 50.96 28.89 -2.11
CA LEU A 128 50.52 30.10 -1.39
C LEU A 128 51.39 30.44 -0.16
N GLY A 129 52.23 29.50 0.27
CA GLY A 129 53.17 29.71 1.37
C GLY A 129 52.77 29.03 2.68
N VAL A 130 51.46 28.93 2.90
CA VAL A 130 50.90 28.56 4.21
C VAL A 130 50.93 27.07 4.56
N LEU A 131 51.32 26.21 3.63
CA LEU A 131 51.27 24.76 3.87
C LEU A 131 52.03 24.39 5.14
N GLY A 132 53.20 25.00 5.31
CA GLY A 132 54.05 24.69 6.45
C GLY A 132 53.55 25.13 7.81
N SER A 133 52.48 25.92 7.85
CA SER A 133 51.96 26.48 9.10
C SER A 133 50.97 25.58 9.82
N PHE A 134 50.52 24.54 9.13
CA PHE A 134 49.59 23.61 9.74
C PHE A 134 50.36 22.56 10.52
N ILE A 135 50.02 22.41 11.80
CA ILE A 135 50.56 21.34 12.62
C ILE A 135 50.04 19.99 12.11
N HIS A 136 48.75 19.72 12.36
CA HIS A 136 48.07 18.51 11.91
C HIS A 136 47.32 18.77 10.61
N ARG A 137 47.76 18.10 9.54
CA ARG A 137 46.91 17.86 8.38
C ARG A 137 46.35 16.45 8.51
N GLU A 138 45.06 16.30 8.28
CA GLU A 138 44.35 15.04 8.55
C GLU A 138 43.17 14.95 7.62
N GLU A 139 42.55 13.78 7.62
CA GLU A 139 41.35 13.57 6.86
C GLU A 139 40.29 12.86 7.73
N TYR A 140 39.01 13.08 7.40
CA TYR A 140 37.89 12.52 8.16
C TYR A 140 36.95 11.92 7.13
N SER A 141 36.94 10.61 7.06
CA SER A 141 36.39 9.92 5.91
C SER A 141 34.91 9.75 6.09
N LEU A 142 34.22 10.86 6.01
CA LEU A 142 32.79 10.90 6.12
C LEU A 142 32.31 10.95 4.69
N ASP A 143 31.89 9.79 4.16
CA ASP A 143 31.44 9.68 2.79
C ASP A 143 29.93 9.45 2.89
N LEU A 144 29.49 8.22 3.12
CA LEU A 144 28.07 7.95 3.30
C LEU A 144 27.54 8.36 4.67
N ILE A 145 26.59 9.28 4.71
CA ILE A 145 26.03 9.74 5.98
C ILE A 145 24.68 9.07 6.27
N PRO A 146 24.53 8.39 7.43
CA PRO A 146 23.24 7.80 7.79
C PRO A 146 22.17 8.85 8.00
N PHE A 147 21.10 8.79 7.21
CA PHE A 147 19.94 9.69 7.37
C PHE A 147 18.79 9.00 8.09
N ASP A 148 18.72 7.68 7.96
CA ASP A 148 17.70 6.86 8.62
C ASP A 148 18.15 5.39 8.54
N GLY A 149 17.36 4.48 9.11
CA GLY A 149 17.73 3.09 9.16
C GLY A 149 17.99 2.40 7.83
N ASP A 150 17.34 2.84 6.76
CA ASP A 150 17.54 2.32 5.43
C ASP A 150 18.05 3.41 4.48
N LEU A 151 18.64 4.48 4.98
CA LEU A 151 19.00 5.57 4.07
C LEU A 151 20.33 6.24 4.36
N LEU A 152 21.21 6.21 3.36
CA LEU A 152 22.52 6.86 3.42
C LEU A 152 22.73 7.83 2.25
N SER A 153 23.35 8.97 2.51
CA SER A 153 23.69 9.90 1.43
C SER A 153 25.07 10.50 1.58
N MET A 154 25.73 10.73 0.45
CA MET A 154 26.93 11.54 0.39
C MET A 154 26.67 13.03 0.53
N GLU A 155 25.45 13.47 0.26
CA GLU A 155 25.14 14.90 0.11
C GLU A 155 26.20 15.69 -0.66
N SER A 156 26.47 15.21 -1.85
CA SER A 156 27.38 15.81 -2.79
C SER A 156 26.54 16.36 -3.97
N GLU A 157 26.18 17.63 -3.86
CA GLU A 157 25.22 18.29 -4.78
C GLU A 157 25.73 18.34 -6.23
N GLY A 158 27.00 18.73 -6.39
CA GLY A 158 27.61 18.84 -7.70
C GLY A 158 27.89 17.52 -8.41
N ALA A 159 27.57 16.39 -7.81
CA ALA A 159 28.03 15.12 -8.37
C ALA A 159 27.50 14.82 -9.77
N PHE A 160 26.22 15.13 -9.98
CA PHE A 160 25.59 14.92 -11.27
C PHE A 160 26.25 15.79 -12.33
N LYS A 161 26.39 17.08 -12.02
CA LYS A 161 26.97 18.01 -12.95
C LYS A 161 28.41 17.57 -13.32
N GLU A 162 29.17 17.14 -12.33
CA GLU A 162 30.59 16.84 -12.52
C GLU A 162 30.77 15.64 -13.43
N CYS A 163 30.07 14.55 -13.12
CA CYS A 163 30.19 13.31 -13.88
C CYS A 163 29.62 13.43 -15.27
N TYR A 164 28.42 14.02 -15.42
CA TYR A 164 27.71 14.00 -16.72
C TYR A 164 28.05 15.20 -17.60
N LEU A 165 28.47 16.33 -16.99
CA LEU A 165 28.83 17.50 -17.80
C LEU A 165 30.31 17.87 -17.87
N GLU A 166 31.07 17.64 -16.81
CA GLU A 166 32.40 18.23 -16.71
C GLU A 166 33.51 17.21 -16.86
N GLY A 167 33.16 15.97 -17.21
CA GLY A 167 34.10 14.88 -17.28
C GLY A 167 34.80 14.49 -15.98
N ASP A 168 34.33 14.99 -14.83
CA ASP A 168 34.97 14.83 -13.52
C ASP A 168 34.27 13.74 -12.68
N GLN A 169 34.96 12.64 -12.47
CA GLN A 169 34.46 11.53 -11.68
C GLN A 169 34.99 11.48 -10.22
N THR A 170 35.41 12.61 -9.67
CA THR A 170 35.85 12.65 -8.28
C THR A 170 34.84 12.10 -7.26
N SER A 171 33.55 12.37 -7.47
CA SER A 171 32.53 11.87 -6.56
C SER A 171 32.41 10.34 -6.57
N LEU A 172 32.61 9.75 -7.74
CA LEU A 172 32.55 8.31 -7.86
C LEU A 172 33.67 7.67 -6.99
N TYR A 173 34.82 8.30 -6.97
CA TYR A 173 35.92 7.78 -6.18
C TYR A 173 35.51 7.79 -4.72
N HIS A 174 34.98 8.90 -4.25
CA HIS A 174 34.51 8.95 -2.89
C HIS A 174 33.41 7.92 -2.61
N ALA A 175 32.46 7.75 -3.55
CA ALA A 175 31.47 6.67 -3.44
C ALA A 175 32.13 5.31 -3.22
N ALA A 176 33.12 4.99 -4.05
CA ALA A 176 33.84 3.70 -3.91
C ALA A 176 34.47 3.58 -2.52
N LYS A 177 35.08 4.67 -2.09
CA LYS A 177 35.67 4.76 -0.75
C LYS A 177 34.64 4.51 0.34
N GLY A 178 33.48 5.12 0.17
CA GLY A 178 32.39 4.93 1.11
C GLY A 178 31.90 3.50 1.12
N LEU A 179 31.82 2.86 -0.04
CA LEU A 179 31.51 1.44 -0.08
C LEU A 179 32.56 0.59 0.63
N MET A 180 33.83 1.01 0.61
CA MET A 180 34.87 0.25 1.34
C MET A 180 34.68 0.35 2.84
N THR A 181 34.35 1.54 3.30
CA THR A 181 34.04 1.75 4.69
C THR A 181 32.85 0.90 5.12
N LEU A 182 31.84 0.83 4.27
CA LEU A 182 30.67 -0.02 4.57
C LEU A 182 31.05 -1.46 4.65
N GLN A 183 31.88 -1.91 3.71
CA GLN A 183 32.30 -3.30 3.70
C GLN A 183 33.14 -3.65 4.92
N ALA A 184 33.95 -2.71 5.38
CA ALA A 184 34.81 -3.00 6.55
C ALA A 184 34.00 -3.18 7.83
N LEU A 185 32.89 -2.45 7.96
CA LEU A 185 31.97 -2.56 9.10
C LEU A 185 30.84 -3.62 8.95
N TYR A 186 30.38 -3.88 7.72
CA TYR A 186 29.17 -4.75 7.47
C TYR A 186 29.44 -5.97 6.60
N GLY A 187 30.69 -6.18 6.25
CA GLY A 187 31.04 -7.34 5.48
C GLY A 187 31.09 -6.98 4.02
N THR A 188 31.91 -7.75 3.32
CA THR A 188 32.05 -7.68 1.89
C THR A 188 30.75 -8.01 1.22
N ILE A 189 30.43 -7.29 0.15
CA ILE A 189 29.20 -7.51 -0.64
C ILE A 189 29.49 -8.48 -1.77
N PRO A 190 28.87 -9.68 -1.73
CA PRO A 190 29.26 -10.76 -2.64
C PRO A 190 29.00 -10.48 -4.08
N GLN A 191 27.86 -9.86 -4.35
CA GLN A 191 27.38 -9.70 -5.72
C GLN A 191 27.18 -8.24 -5.99
N ILE A 192 27.68 -7.78 -7.12
CA ILE A 192 27.53 -6.39 -7.52
C ILE A 192 26.83 -6.41 -8.86
N PHE A 193 25.75 -5.64 -8.98
CA PHE A 193 25.09 -5.41 -10.23
C PHE A 193 25.07 -3.93 -10.54
N GLY A 194 25.14 -3.59 -11.81
CA GLY A 194 25.03 -2.17 -12.18
C GLY A 194 24.44 -1.92 -13.54
N LYS A 195 23.91 -0.71 -13.70
CA LYS A 195 23.54 -0.17 -15.01
C LYS A 195 23.91 1.29 -15.07
N GLY A 196 24.77 1.65 -16.01
CA GLY A 196 25.28 3.02 -16.15
C GLY A 196 26.79 3.14 -16.29
N GLU A 197 27.24 4.25 -16.87
CA GLU A 197 28.68 4.51 -17.01
C GLU A 197 29.29 4.78 -15.63
N CYS A 198 28.65 5.65 -14.84
CA CYS A 198 29.17 5.97 -13.54
C CYS A 198 29.17 4.70 -12.71
N ALA A 199 28.13 3.87 -12.81
CA ALA A 199 28.10 2.61 -12.06
C ALA A 199 29.24 1.66 -12.40
N ARG A 200 29.61 1.58 -13.67
CA ARG A 200 30.77 0.74 -14.10
C ARG A 200 32.05 1.23 -13.39
N GLN A 201 32.25 2.53 -13.42
CA GLN A 201 33.42 3.12 -12.76
C GLN A 201 33.48 2.87 -11.24
N VAL A 202 32.36 3.01 -10.56
CA VAL A 202 32.39 2.75 -9.15
C VAL A 202 32.73 1.30 -8.89
N ALA A 203 32.12 0.41 -9.66
CA ALA A 203 32.41 -1.04 -9.56
C ALA A 203 33.87 -1.29 -9.73
N ASN A 204 34.43 -0.72 -10.78
CA ASN A 204 35.85 -0.96 -11.06
C ASN A 204 36.70 -0.52 -9.90
N MET A 205 36.33 0.61 -9.31
CA MET A 205 37.10 1.19 -8.23
C MET A 205 36.97 0.36 -6.97
N MET A 206 35.76 -0.08 -6.66
CA MET A 206 35.54 -1.01 -5.51
C MET A 206 36.44 -2.21 -5.60
N ILE A 207 36.49 -2.78 -6.78
CA ILE A 207 37.10 -4.09 -6.93
C ILE A 207 38.64 -3.95 -6.82
N ARG A 208 39.18 -2.93 -7.45
CA ARG A 208 40.57 -2.55 -7.37
C ARG A 208 40.98 -2.19 -5.93
N MET A 209 40.12 -1.45 -5.22
CA MET A 209 40.46 -0.99 -3.87
C MET A 209 40.56 -2.21 -2.94
N LYS A 210 39.64 -3.16 -3.12
CA LYS A 210 39.63 -4.36 -2.30
C LYS A 210 40.82 -5.19 -2.63
N ARG A 211 41.13 -5.29 -3.92
CA ARG A 211 42.41 -5.88 -4.32
C ARG A 211 43.58 -5.26 -3.54
N GLU A 212 43.55 -3.92 -3.42
CA GLU A 212 44.64 -3.09 -2.82
C GLU A 212 44.61 -3.00 -1.29
N PHE A 213 43.69 -3.69 -0.63
CA PHE A 213 43.55 -3.57 0.81
C PHE A 213 44.71 -4.27 1.58
N THR A 214 45.23 -3.59 2.61
CA THR A 214 46.40 -4.08 3.37
C THR A 214 46.17 -4.37 4.86
N GLY A 215 44.92 -4.32 5.33
CA GLY A 215 44.58 -4.63 6.73
C GLY A 215 44.59 -6.11 7.13
N SER A 216 44.38 -6.38 8.42
CA SER A 216 43.88 -7.66 8.89
C SER A 216 42.64 -8.06 8.09
N GLN A 217 42.35 -9.36 8.09
CA GLN A 217 41.32 -9.89 7.20
C GLN A 217 39.92 -9.64 7.73
N ASN A 218 39.04 -9.08 6.88
CA ASN A 218 37.63 -8.88 7.23
C ASN A 218 36.96 -10.22 7.48
N SER A 219 36.60 -10.45 8.74
CA SER A 219 35.96 -11.67 9.19
C SER A 219 34.57 -11.33 9.70
N ILE A 220 33.83 -10.56 8.89
CA ILE A 220 32.41 -10.21 9.14
C ILE A 220 31.42 -10.80 8.14
N PHE A 221 30.36 -11.41 8.67
CA PHE A 221 29.33 -12.04 7.85
C PHE A 221 28.53 -10.94 7.16
N PRO A 222 28.43 -11.01 5.82
CA PRO A 222 27.76 -10.00 5.01
C PRO A 222 26.33 -9.66 5.43
N VAL A 223 26.12 -8.39 5.69
CA VAL A 223 24.83 -7.88 5.94
C VAL A 223 24.10 -7.70 4.61
N PHE A 224 24.80 -7.15 3.61
CA PHE A 224 24.20 -6.89 2.30
C PHE A 224 24.51 -8.02 1.38
N ASP A 225 23.49 -8.59 0.77
CA ASP A 225 23.69 -9.69 -0.20
C ASP A 225 24.13 -9.19 -1.56
N ASN A 226 23.63 -8.02 -1.95
CA ASN A 226 23.81 -7.46 -3.29
C ASN A 226 24.05 -5.97 -3.23
N LEU A 227 24.79 -5.46 -4.21
CA LEU A 227 24.85 -4.04 -4.46
C LEU A 227 24.28 -3.78 -5.83
N LEU A 228 23.39 -2.80 -5.96
CA LEU A 228 22.93 -2.36 -7.27
C LEU A 228 23.28 -0.92 -7.46
N LEU A 229 24.15 -0.67 -8.42
CA LEU A 229 24.63 0.67 -8.72
C LEU A 229 23.86 1.19 -9.94
N LEU A 230 23.23 2.34 -9.79
CA LEU A 230 22.39 2.92 -10.87
C LEU A 230 22.69 4.37 -11.20
N ASP A 231 22.92 4.63 -12.49
CA ASP A 231 23.20 5.98 -12.99
C ASP A 231 21.93 6.74 -13.06
N ARG A 232 21.94 7.94 -12.48
CA ARG A 232 20.76 8.79 -12.51
C ARG A 232 20.31 8.98 -13.95
N ASN A 233 21.27 9.02 -14.86
CA ASN A 233 20.93 9.33 -16.25
C ASN A 233 20.28 8.19 -17.01
N VAL A 234 20.13 7.07 -16.36
CA VAL A 234 19.34 5.97 -16.90
C VAL A 234 17.86 6.23 -16.74
N ASP A 235 17.51 7.02 -15.73
CA ASP A 235 16.14 7.47 -15.54
C ASP A 235 16.13 8.96 -15.25
N LEU A 236 16.18 9.77 -16.31
CA LEU A 236 16.08 11.24 -16.19
C LEU A 236 14.69 11.79 -16.02
N LEU A 237 13.69 10.97 -16.24
CA LEU A 237 12.31 11.43 -16.11
C LEU A 237 11.96 11.64 -14.66
N THR A 238 12.18 10.61 -13.84
CA THR A 238 11.57 10.56 -12.52
C THR A 238 11.69 11.82 -11.67
N PRO A 239 12.91 12.37 -11.56
CA PRO A 239 13.06 13.63 -10.74
C PRO A 239 12.30 14.84 -11.28
N LEU A 240 12.04 14.85 -12.59
CA LEU A 240 11.30 15.96 -13.16
C LEU A 240 9.84 16.04 -12.70
N ALA A 241 9.23 14.87 -12.43
CA ALA A 241 7.80 14.84 -12.05
C ALA A 241 7.50 15.35 -10.64
N THR A 242 6.29 15.89 -10.45
CA THR A 242 5.87 16.33 -9.12
C THR A 242 5.58 15.10 -8.26
N GLN A 243 6.38 14.93 -7.22
CA GLN A 243 6.23 13.87 -6.24
C GLN A 243 4.92 14.06 -5.53
N LEU A 244 4.22 12.96 -5.22
CA LEU A 244 2.83 13.03 -4.63
C LEU A 244 2.72 12.28 -3.33
N THR A 245 3.85 11.78 -2.78
CA THR A 245 3.82 11.24 -1.43
C THR A 245 3.89 12.40 -0.41
N TYR A 246 3.66 12.09 0.88
CA TYR A 246 3.59 13.12 1.92
C TYR A 246 4.99 13.76 2.01
N GLU A 247 6.01 12.95 2.24
CA GLU A 247 7.39 13.42 2.33
C GLU A 247 7.78 14.11 1.02
N GLY A 248 7.41 13.54 -0.13
CA GLY A 248 7.75 14.17 -1.40
C GLY A 248 7.19 15.58 -1.54
N LEU A 249 5.90 15.74 -1.23
CA LEU A 249 5.30 17.04 -1.25
C LEU A 249 5.93 18.04 -0.28
N ILE A 250 6.28 17.59 0.91
CA ILE A 250 6.97 18.44 1.85
C ILE A 250 8.28 18.93 1.20
N ASP A 251 9.00 18.00 0.58
CA ASP A 251 10.26 18.33 -0.08
C ASP A 251 10.01 19.25 -1.26
N GLU A 252 8.95 19.01 -2.04
CA GLU A 252 8.73 19.83 -3.21
C GLU A 252 8.39 21.23 -2.86
N ILE A 253 7.63 21.43 -1.78
CA ILE A 253 7.08 22.72 -1.47
C ILE A 253 7.98 23.52 -0.52
N TYR A 254 8.46 22.86 0.53
CA TYR A 254 9.28 23.50 1.51
C TYR A 254 10.71 23.10 1.45
N GLY A 255 11.02 21.92 0.95
CA GLY A 255 12.39 21.42 0.95
C GLY A 255 12.74 20.80 2.29
N ILE A 256 13.34 19.62 2.24
CA ILE A 256 13.92 18.98 3.42
C ILE A 256 15.42 18.95 3.29
N GLN A 257 16.11 19.51 4.28
CA GLN A 257 17.59 19.66 4.27
C GLN A 257 18.22 18.96 5.48
N ASN A 258 19.04 17.94 5.24
CA ASN A 258 19.62 17.18 6.36
C ASN A 258 18.57 16.80 7.39
N SER A 259 17.42 16.37 6.86
CA SER A 259 16.33 15.74 7.57
C SER A 259 15.48 16.71 8.34
N TYR A 260 15.72 18.01 8.16
CA TYR A 260 14.94 19.05 8.78
C TYR A 260 14.18 19.82 7.71
N VAL A 261 13.02 20.34 8.11
CA VAL A 261 12.25 21.22 7.27
C VAL A 261 11.93 22.50 8.05
N LYS A 262 11.77 23.62 7.34
CA LYS A 262 11.34 24.88 7.96
C LYS A 262 10.02 25.33 7.41
N LEU A 263 9.05 25.56 8.28
CA LEU A 263 7.67 25.75 7.89
C LEU A 263 7.15 27.10 8.33
N PRO A 264 6.20 27.67 7.59
CA PRO A 264 5.50 28.82 8.13
C PRO A 264 5.03 28.54 9.57
N PRO A 265 5.22 29.49 10.49
CA PRO A 265 5.04 29.13 11.90
C PRO A 265 3.65 29.32 12.51
N GLU A 266 2.72 29.88 11.75
CA GLU A 266 1.43 30.33 12.30
C GLU A 266 0.60 29.22 12.90
N LYS A 267 0.50 28.09 12.21
CA LYS A 267 -0.36 27.01 12.71
C LYS A 267 0.24 26.32 13.93
N PHE A 268 1.55 26.46 14.14
CA PHE A 268 2.26 25.75 15.21
C PHE A 268 2.44 26.66 16.44
N ALA A 269 3.19 26.13 17.43
CA ALA A 269 3.61 26.89 18.62
C ALA A 269 5.10 27.27 18.55
N LEU A 280 11.09 37.73 17.95
CA LEU A 280 10.62 38.22 16.64
C LEU A 280 11.74 38.77 15.70
N PRO A 281 11.59 38.59 14.36
CA PRO A 281 10.44 37.94 13.71
C PRO A 281 10.33 36.46 14.10
N THR A 282 9.11 35.95 14.04
CA THR A 282 8.85 34.60 14.42
C THR A 282 9.69 33.75 13.45
N GLU A 283 10.60 32.98 14.02
CA GLU A 283 11.35 32.06 13.20
C GLU A 283 10.45 30.93 12.66
N ALA A 284 10.77 30.50 11.45
CA ALA A 284 10.19 29.33 10.90
C ALA A 284 10.16 28.21 11.93
N LYS A 285 9.07 27.46 11.93
CA LYS A 285 8.95 26.25 12.70
C LYS A 285 9.87 25.21 12.08
N LYS A 286 10.90 24.82 12.81
CA LYS A 286 11.88 23.89 12.33
C LYS A 286 11.55 22.52 12.87
N LEU A 287 11.40 21.52 12.00
CA LEU A 287 11.09 20.16 12.44
C LEU A 287 12.02 19.16 11.85
N GLN A 288 12.34 18.13 12.62
CA GLN A 288 13.11 17.00 12.11
C GLN A 288 12.13 15.94 11.63
N LEU A 289 12.46 15.30 10.51
CA LEU A 289 11.62 14.39 9.80
C LEU A 289 12.42 13.15 9.46
N ASN A 290 12.24 12.12 10.29
CA ASN A 290 12.79 10.78 10.09
C ASN A 290 11.95 9.78 10.85
N SER A 291 12.36 8.51 10.83
CA SER A 291 11.49 7.43 11.30
C SER A 291 11.44 7.31 12.81
N ALA A 292 12.19 8.11 13.53
CA ALA A 292 12.10 8.08 15.00
C ALA A 292 10.76 8.57 15.47
N GLU A 293 10.08 9.38 14.65
CA GLU A 293 8.74 9.86 15.00
C GLU A 293 7.71 8.86 14.43
N GLU A 294 7.04 8.13 15.30
CA GLU A 294 6.21 6.97 14.86
C GLU A 294 5.18 7.39 13.84
N LEU A 295 4.50 8.48 14.11
CA LEU A 295 3.46 8.91 13.22
C LEU A 295 4.04 9.20 11.84
N TYR A 296 5.23 9.83 11.80
CA TYR A 296 5.80 10.21 10.51
C TYR A 296 6.21 9.00 9.71
N ALA A 297 6.72 7.99 10.40
CA ALA A 297 7.02 6.72 9.77
C ALA A 297 5.78 6.17 9.11
N GLU A 298 4.61 6.36 9.71
CA GLU A 298 3.42 5.74 9.17
C GLU A 298 2.91 6.52 7.96
N ILE A 299 3.16 7.83 7.89
CA ILE A 299 2.66 8.63 6.76
C ILE A 299 3.63 9.12 5.68
N ARG A 300 4.91 9.27 5.99
CA ARG A 300 5.84 9.81 5.01
C ARG A 300 5.72 9.19 3.63
N ASP A 301 5.66 7.86 3.54
CA ASP A 301 5.63 7.13 2.26
C ASP A 301 4.25 7.04 1.59
N LYS A 302 3.21 7.54 2.22
CA LYS A 302 1.90 7.39 1.64
C LYS A 302 1.68 8.42 0.57
N ASN A 303 0.89 8.06 -0.44
CA ASN A 303 0.33 9.04 -1.33
C ASN A 303 -0.37 10.07 -0.45
N PHE A 304 -0.25 11.33 -0.81
CA PHE A 304 -0.74 12.37 0.06
C PHE A 304 -2.24 12.20 0.29
N ASN A 305 -2.99 11.77 -0.70
CA ASN A 305 -4.46 11.55 -0.49
C ASN A 305 -4.82 10.47 0.53
N ALA A 306 -3.83 9.75 1.06
CA ALA A 306 -4.13 8.69 2.04
C ALA A 306 -3.88 9.19 3.45
N VAL A 307 -3.24 10.36 3.60
CA VAL A 307 -2.75 10.81 4.90
C VAL A 307 -3.89 11.16 5.88
N GLY A 308 -4.87 11.92 5.42
CA GLY A 308 -6.07 12.21 6.20
C GLY A 308 -6.52 11.04 7.06
N SER A 309 -6.67 9.86 6.46
CA SER A 309 -7.21 8.71 7.20
C SER A 309 -6.33 8.21 8.30
N VAL A 310 -5.03 8.27 8.09
CA VAL A 310 -4.14 7.85 9.14
C VAL A 310 -4.30 8.84 10.33
N LEU A 311 -4.37 10.14 10.03
CA LEU A 311 -4.54 11.20 11.08
C LEU A 311 -5.74 10.98 11.96
N SER A 312 -6.86 10.72 11.33
CA SER A 312 -8.08 10.37 12.07
C SER A 312 -7.89 9.13 12.93
N LYS A 313 -7.25 8.11 12.39
CA LYS A 313 -7.04 6.90 13.13
C LYS A 313 -6.11 7.21 14.32
N LYS A 314 -5.10 8.07 14.14
CA LYS A 314 -4.20 8.37 15.24
C LYS A 314 -4.96 9.05 16.38
N ALA A 315 -5.86 9.97 16.03
CA ALA A 315 -6.69 10.62 17.04
C ALA A 315 -7.43 9.63 17.92
N LYS A 316 -8.04 8.62 17.31
CA LYS A 316 -8.71 7.61 18.13
C LYS A 316 -7.71 6.87 19.01
N ILE A 317 -6.58 6.46 18.45
CA ILE A 317 -5.63 5.67 19.25
C ILE A 317 -5.18 6.48 20.48
N ILE A 318 -5.00 7.78 20.28
CA ILE A 318 -4.62 8.68 21.37
C ILE A 318 -5.71 8.82 22.42
N SER A 319 -6.96 9.01 21.99
CA SER A 319 -8.07 9.16 22.95
C SER A 319 -8.26 7.94 23.83
N ALA A 320 -8.24 6.78 23.21
CA ALA A 320 -8.23 5.49 23.91
C ALA A 320 -7.08 5.34 24.90
N ALA A 321 -5.88 5.74 24.52
CA ALA A 321 -4.77 5.73 25.47
C ALA A 321 -5.10 6.59 26.73
N PHE A 322 -5.73 7.75 26.52
CA PHE A 322 -6.15 8.61 27.64
C PHE A 322 -7.33 8.04 28.39
N GLU A 323 -8.27 7.44 27.67
CA GLU A 323 -9.44 6.81 28.27
C GLU A 323 -9.05 5.64 29.15
N GLU A 324 -8.03 4.88 28.77
CA GLU A 324 -7.45 3.88 29.65
C GLU A 324 -6.80 4.50 30.88
N ARG A 325 -5.97 5.53 30.67
CA ARG A 325 -5.34 6.28 31.77
C ARG A 325 -6.36 6.91 32.73
N HIS A 326 -7.58 7.16 32.23
CA HIS A 326 -8.65 7.63 33.09
C HIS A 326 -9.16 6.52 34.04
N ASN A 327 -9.28 5.29 33.53
CA ASN A 327 -9.72 4.13 34.34
C ASN A 327 -8.51 3.32 34.82
N LYS A 335 -0.36 3.13 37.25
CA LYS A 335 0.68 2.09 37.18
C LYS A 335 1.65 2.32 36.01
N GLN A 336 1.36 1.66 34.88
CA GLN A 336 2.17 1.74 33.64
C GLN A 336 1.90 3.07 32.90
N PHE A 337 0.76 3.70 33.20
CA PHE A 337 0.35 4.95 32.55
C PHE A 337 1.04 6.23 33.03
N VAL A 338 1.63 6.19 34.22
CA VAL A 338 2.55 7.25 34.63
C VAL A 338 3.76 7.30 33.70
N SER A 339 4.23 6.13 33.26
CA SER A 339 5.42 6.02 32.40
C SER A 339 5.15 6.33 30.92
N GLN A 340 4.03 5.86 30.40
CA GLN A 340 3.64 6.13 29.02
C GLN A 340 3.18 7.58 28.78
N LEU A 341 2.93 8.34 29.84
CA LEU A 341 2.37 9.68 29.69
C LEU A 341 3.26 10.66 28.90
N PRO A 342 4.57 10.72 29.20
CA PRO A 342 5.51 11.47 28.33
C PRO A 342 5.52 11.01 26.84
N HIS A 343 5.15 9.75 26.59
CA HIS A 343 4.98 9.23 25.22
C HIS A 343 3.64 9.72 24.64
N MET A 344 2.59 9.59 25.43
CA MET A 344 1.25 10.04 25.03
C MET A 344 1.20 11.50 24.67
N GLN A 345 1.77 12.36 25.53
CA GLN A 345 1.79 13.82 25.28
C GLN A 345 2.49 14.10 23.97
N ALA A 346 3.66 13.49 23.79
CA ALA A 346 4.45 13.65 22.59
C ALA A 346 3.69 13.17 21.36
N ALA A 347 2.96 12.07 21.49
CA ALA A 347 2.13 11.59 20.38
C ALA A 347 0.99 12.58 20.01
N ARG A 348 0.42 13.31 20.98
CA ARG A 348 -0.59 14.33 20.61
C ARG A 348 0.01 15.47 19.85
N GLY A 349 1.24 15.82 20.25
CA GLY A 349 1.98 16.94 19.71
C GLY A 349 2.39 16.66 18.30
N SER A 350 2.94 15.47 18.11
CA SER A 350 3.18 14.90 16.82
C SER A 350 1.91 14.91 15.94
N LEU A 351 0.79 14.41 16.43
CA LEU A 351 -0.43 14.44 15.62
C LEU A 351 -0.81 15.88 15.27
N ALA A 352 -0.68 16.79 16.22
CA ALA A 352 -0.97 18.22 15.96
C ALA A 352 -0.02 18.80 14.92
N ASN A 353 1.26 18.45 14.98
CA ASN A 353 2.22 18.96 14.01
C ASN A 353 1.89 18.52 12.61
N HIS A 354 1.59 17.24 12.44
CA HIS A 354 1.35 16.70 11.10
C HIS A 354 -0.03 17.02 10.59
N THR A 355 -0.98 17.24 11.50
CA THR A 355 -2.27 17.77 11.06
C THR A 355 -2.02 19.16 10.40
N SER A 356 -1.12 19.95 10.94
CA SER A 356 -0.89 21.29 10.40
C SER A 356 -0.16 21.22 9.08
N ILE A 357 0.84 20.36 9.00
CA ILE A 357 1.57 20.22 7.75
C ILE A 357 0.65 19.76 6.63
N ALA A 358 -0.16 18.74 6.89
CA ALA A 358 -1.12 18.27 5.92
C ALA A 358 -1.97 19.42 5.42
N GLU A 359 -2.41 20.30 6.31
CA GLU A 359 -3.23 21.46 5.90
C GLU A 359 -2.41 22.41 5.02
N LEU A 360 -1.15 22.66 5.39
CA LEU A 360 -0.33 23.52 4.53
C LEU A 360 -0.23 22.92 3.16
N ILE A 361 -0.05 21.59 3.08
CA ILE A 361 0.15 20.91 1.78
C ILE A 361 -1.12 20.85 0.94
N LYS A 362 -2.24 20.54 1.58
CA LYS A 362 -3.57 20.53 0.93
C LYS A 362 -3.88 21.90 0.27
N ASP A 363 -3.47 22.99 0.91
CA ASP A 363 -3.59 24.32 0.32
C ASP A 363 -2.86 24.44 -0.98
N VAL A 364 -1.62 23.96 -1.04
CA VAL A 364 -0.93 23.96 -2.30
C VAL A 364 -1.63 23.01 -3.28
N THR A 365 -1.94 21.80 -2.87
CA THR A 365 -2.37 20.80 -3.85
C THR A 365 -3.81 20.92 -4.34
N THR A 366 -4.57 21.89 -3.82
CA THR A 366 -5.96 22.10 -4.27
C THR A 366 -6.12 23.41 -5.05
N SER A 367 -5.02 24.07 -5.36
CA SER A 367 -5.08 25.25 -6.20
C SER A 367 -5.29 24.80 -7.65
N GLU A 368 -5.83 25.71 -8.46
CA GLU A 368 -6.05 25.46 -9.86
C GLU A 368 -4.72 25.25 -10.61
N ASP A 369 -3.70 26.02 -10.26
CA ASP A 369 -2.44 25.88 -10.92
C ASP A 369 -1.87 24.47 -10.71
N PHE A 370 -1.99 23.93 -9.52
CA PHE A 370 -1.50 22.60 -9.25
C PHE A 370 -2.21 21.53 -10.05
N PHE A 371 -3.54 21.62 -10.13
CA PHE A 371 -4.32 20.70 -10.93
C PHE A 371 -3.86 20.76 -12.37
N ASP A 372 -3.70 21.96 -12.91
CA ASP A 372 -3.31 22.07 -14.33
C ASP A 372 -1.92 21.52 -14.62
N LYS A 373 -0.95 21.87 -13.78
CA LYS A 373 0.42 21.32 -13.88
C LYS A 373 0.40 19.79 -13.89
N LEU A 374 -0.26 19.22 -12.93
CA LEU A 374 -0.36 17.78 -12.81
C LEU A 374 -1.03 17.09 -14.01
N THR A 375 -2.04 17.74 -14.60
CA THR A 375 -2.67 17.22 -15.79
C THR A 375 -1.63 17.15 -16.92
N VAL A 376 -0.86 18.20 -17.09
CA VAL A 376 0.15 18.20 -18.15
C VAL A 376 1.16 17.13 -17.86
N GLU A 377 1.58 17.00 -16.61
CA GLU A 377 2.69 16.05 -16.32
C GLU A 377 2.25 14.66 -16.71
N GLN A 378 1.02 14.34 -16.35
CA GLN A 378 0.43 13.05 -16.61
C GLN A 378 0.14 12.83 -18.09
N GLU A 379 -0.20 13.88 -18.81
CA GLU A 379 -0.27 13.76 -20.26
C GLU A 379 1.10 13.29 -20.78
N PHE A 380 2.16 14.02 -20.46
CA PHE A 380 3.48 13.63 -20.98
C PHE A 380 3.89 12.24 -20.57
N MET A 381 3.62 11.86 -19.34
CA MET A 381 4.13 10.59 -18.83
C MET A 381 3.40 9.39 -19.44
N SER A 382 2.23 9.64 -19.95
CA SER A 382 1.45 8.61 -20.59
C SER A 382 1.41 8.72 -22.14
N GLY A 383 2.21 9.59 -22.72
CA GLY A 383 2.39 9.64 -24.15
C GLY A 383 1.61 10.67 -24.95
N ILE A 384 0.86 11.55 -24.29
CA ILE A 384 -0.01 12.50 -25.00
C ILE A 384 0.67 13.84 -25.32
N ASP A 385 0.73 14.14 -26.60
CA ASP A 385 1.14 15.43 -27.15
C ASP A 385 2.51 15.86 -26.68
N THR A 386 3.43 14.90 -26.65
CA THR A 386 4.78 15.18 -26.15
C THR A 386 5.61 15.90 -27.20
N ASP A 387 5.04 16.17 -28.37
CA ASP A 387 5.80 16.71 -29.51
C ASP A 387 5.32 18.10 -29.96
N LYS A 388 4.30 18.65 -29.32
CA LYS A 388 3.77 19.97 -29.70
C LYS A 388 4.06 20.94 -28.61
N VAL A 389 4.12 22.23 -28.94
CA VAL A 389 4.18 23.25 -27.90
C VAL A 389 2.98 23.18 -26.99
N ASN A 390 3.21 23.16 -25.69
CA ASN A 390 2.10 22.99 -24.78
C ASN A 390 1.54 24.34 -24.27
N ASN A 391 0.22 24.50 -24.35
CA ASN A 391 -0.41 25.76 -24.03
C ASN A 391 -0.19 26.17 -22.58
N TYR A 392 -0.23 25.20 -21.65
CA TYR A 392 -0.10 25.52 -20.24
C TYR A 392 1.30 26.03 -20.00
N ILE A 393 2.30 25.37 -20.57
CA ILE A 393 3.66 25.84 -20.44
C ILE A 393 3.79 27.22 -21.02
N GLU A 394 3.13 27.52 -22.14
CA GLU A 394 3.21 28.86 -22.71
C GLU A 394 2.60 29.88 -21.76
N ASP A 395 1.44 29.56 -21.17
CA ASP A 395 0.79 30.42 -20.21
C ASP A 395 1.68 30.66 -19.00
N CYS A 396 2.39 29.65 -18.53
CA CYS A 396 3.23 29.85 -17.36
C CYS A 396 4.34 30.81 -17.71
N ILE A 397 4.88 30.69 -18.90
CA ILE A 397 5.95 31.60 -19.31
C ILE A 397 5.43 33.02 -19.42
N ALA A 398 4.27 33.17 -20.02
CA ALA A 398 3.72 34.47 -20.26
C ALA A 398 3.38 35.14 -18.94
N GLN A 399 2.90 34.38 -17.98
CA GLN A 399 2.64 34.89 -16.64
C GLN A 399 3.90 34.92 -15.77
N LYS A 400 5.06 34.52 -16.30
CA LYS A 400 6.32 34.63 -15.57
C LYS A 400 6.30 33.88 -14.27
N HIS A 401 5.75 32.70 -14.32
CA HIS A 401 5.94 31.73 -13.28
C HIS A 401 7.43 31.35 -13.10
N SER A 402 7.71 30.73 -11.97
CA SER A 402 9.06 30.28 -11.63
C SER A 402 9.75 29.61 -12.82
N LEU A 403 10.92 30.10 -13.14
CA LEU A 403 11.66 29.50 -14.22
C LEU A 403 11.79 27.98 -14.03
N ILE A 404 12.10 27.56 -12.82
CA ILE A 404 12.37 26.15 -12.56
C ILE A 404 11.19 25.25 -12.82
N LYS A 405 10.01 25.73 -12.55
CA LYS A 405 8.83 24.95 -12.82
C LYS A 405 8.69 24.79 -14.35
N VAL A 406 8.96 25.86 -15.08
CA VAL A 406 8.84 25.84 -16.52
C VAL A 406 9.89 24.85 -17.08
N LEU A 407 11.10 24.92 -16.57
CA LEU A 407 12.17 24.06 -17.05
C LEU A 407 11.87 22.61 -16.76
N ARG A 408 11.32 22.35 -15.57
CA ARG A 408 10.96 20.97 -15.24
C ARG A 408 9.99 20.36 -16.24
N LEU A 409 9.01 21.14 -16.64
CA LEU A 409 8.02 20.69 -17.59
C LEU A 409 8.60 20.54 -19.01
N VAL A 410 9.37 21.52 -19.49
CA VAL A 410 9.86 21.39 -20.85
C VAL A 410 10.85 20.24 -20.97
N CYS A 411 11.63 20.00 -19.92
CA CYS A 411 12.49 18.83 -19.86
C CYS A 411 11.70 17.52 -19.75
N LEU A 412 10.61 17.55 -19.00
CA LEU A 412 9.77 16.36 -18.89
C LEU A 412 9.26 16.00 -20.28
N GLN A 413 8.78 17.00 -21.01
CA GLN A 413 8.37 16.80 -22.37
C GLN A 413 9.47 16.19 -23.27
N SER A 414 10.65 16.78 -23.16
CA SER A 414 11.74 16.37 -23.99
C SER A 414 12.11 14.91 -23.71
N VAL A 415 12.17 14.53 -22.46
CA VAL A 415 12.55 13.17 -22.12
C VAL A 415 11.45 12.19 -22.52
N CYS A 416 10.18 12.51 -22.35
CA CYS A 416 9.08 11.62 -22.80
C CYS A 416 9.06 11.54 -24.34
N ASN A 417 9.66 12.50 -25.04
CA ASN A 417 9.65 12.50 -26.51
C ASN A 417 10.99 12.15 -27.18
N SER A 418 12.03 11.91 -26.39
CA SER A 418 13.42 11.78 -26.89
C SER A 418 13.86 13.03 -27.63
N GLY A 419 13.67 14.18 -27.01
CA GLY A 419 14.03 15.44 -27.61
C GLY A 419 12.87 15.97 -28.41
N LEU A 420 12.94 17.23 -28.81
CA LEU A 420 11.84 17.92 -29.45
C LEU A 420 12.26 18.32 -30.86
N LYS A 421 11.31 18.58 -31.75
CA LYS A 421 11.61 19.04 -33.11
C LYS A 421 12.19 20.39 -32.99
N GLN A 422 12.85 20.85 -34.05
CA GLN A 422 13.48 22.17 -34.05
C GLN A 422 12.49 23.28 -33.78
N LYS A 423 11.35 23.26 -34.47
CA LYS A 423 10.38 24.34 -34.36
C LYS A 423 9.95 24.50 -32.90
N VAL A 424 9.81 23.37 -32.20
CA VAL A 424 9.34 23.36 -30.82
C VAL A 424 10.46 23.67 -29.82
N LEU A 425 11.62 23.05 -29.96
CA LEU A 425 12.75 23.42 -29.08
C LEU A 425 13.10 24.89 -29.18
N ASP A 426 13.16 25.42 -30.40
CA ASP A 426 13.53 26.82 -30.63
C ASP A 426 12.50 27.77 -30.10
N TYR A 427 11.23 27.38 -30.19
CA TYR A 427 10.19 28.23 -29.68
C TYR A 427 10.38 28.34 -28.16
N TYR A 428 10.65 27.21 -27.49
CA TYR A 428 10.73 27.27 -26.07
C TYR A 428 11.96 28.04 -25.61
N LYS A 429 13.11 27.85 -26.28
CA LYS A 429 14.31 28.57 -25.95
C LYS A 429 14.14 30.08 -26.15
N ARG A 430 13.58 30.48 -27.27
CA ARG A 430 13.40 31.92 -27.49
C ARG A 430 12.50 32.58 -26.42
N GLU A 431 11.43 31.91 -26.02
CA GLU A 431 10.51 32.48 -25.02
C GLU A 431 11.08 32.52 -23.60
N ILE A 432 11.81 31.45 -23.25
CA ILE A 432 12.50 31.37 -21.99
C ILE A 432 13.56 32.50 -21.90
N LEU A 433 14.44 32.58 -22.89
CA LEU A 433 15.46 33.65 -22.95
C LEU A 433 14.85 35.05 -22.87
N GLN A 434 13.81 35.29 -23.70
CA GLN A 434 13.18 36.58 -23.74
C GLN A 434 12.55 36.96 -22.43
N THR A 435 11.98 35.98 -21.74
CA THR A 435 11.22 36.26 -20.50
C THR A 435 12.07 36.29 -19.23
N TYR A 436 13.06 35.39 -19.14
CA TYR A 436 13.83 35.22 -17.92
C TYR A 436 15.27 35.71 -18.08
N GLY A 437 15.67 36.03 -19.30
CA GLY A 437 16.94 36.74 -19.54
C GLY A 437 17.94 35.85 -20.26
N TYR A 438 18.84 36.48 -21.01
CA TYR A 438 19.80 35.78 -21.87
C TYR A 438 20.93 35.10 -21.09
N GLU A 439 21.09 35.42 -19.81
CA GLU A 439 21.97 34.68 -18.94
C GLU A 439 21.66 33.16 -19.01
N HIS A 440 20.40 32.82 -19.28
CA HIS A 440 19.94 31.43 -19.24
C HIS A 440 20.31 30.62 -20.46
N ILE A 441 21.04 31.22 -21.36
CA ILE A 441 21.74 30.42 -22.35
C ILE A 441 22.80 29.46 -21.79
N LEU A 442 23.40 29.75 -20.63
CA LEU A 442 24.22 28.74 -19.92
C LEU A 442 23.27 27.60 -19.48
N THR A 443 22.20 27.98 -18.81
CA THR A 443 21.21 27.05 -18.33
C THR A 443 20.78 26.08 -19.44
N LEU A 444 20.45 26.58 -20.62
CA LEU A 444 19.96 25.66 -21.68
C LEU A 444 21.08 24.76 -22.27
N HIS A 445 22.26 25.31 -22.40
CA HIS A 445 23.42 24.50 -22.79
C HIS A 445 23.65 23.35 -21.82
N ASN A 446 23.54 23.62 -20.52
CA ASN A 446 23.70 22.57 -19.52
C ASN A 446 22.62 21.51 -19.56
N LEU A 447 21.38 21.93 -19.81
CA LEU A 447 20.27 20.97 -19.85
C LEU A 447 20.39 20.08 -21.07
N GLU A 448 20.96 20.60 -22.15
CA GLU A 448 21.18 19.77 -23.33
C GLU A 448 22.32 18.79 -23.10
N LYS A 449 23.44 19.26 -22.55
CA LYS A 449 24.58 18.37 -22.30
C LYS A 449 24.15 17.27 -21.33
N ALA A 450 23.23 17.57 -20.44
CA ALA A 450 22.75 16.62 -19.46
C ALA A 450 21.66 15.66 -19.95
N GLY A 451 21.19 15.81 -21.20
CA GLY A 451 20.14 14.95 -21.76
C GLY A 451 18.71 15.41 -21.44
N LEU A 452 18.56 16.55 -20.79
CA LEU A 452 17.27 16.95 -20.31
C LEU A 452 16.40 17.69 -21.31
N LEU A 453 17.00 18.45 -22.21
CA LEU A 453 16.24 19.32 -23.11
C LEU A 453 17.11 19.41 -24.29
N LYS A 454 16.77 18.64 -25.32
CA LYS A 454 17.63 18.48 -26.46
C LYS A 454 16.81 18.38 -27.71
N PRO A 455 17.47 18.53 -28.88
CA PRO A 455 16.72 18.32 -30.14
C PRO A 455 16.66 16.88 -30.34
N GLN A 456 15.58 16.39 -30.93
CA GLN A 456 15.51 14.97 -31.27
C GLN A 456 16.44 14.61 -32.43
N THR A 457 16.64 13.31 -32.63
CA THR A 457 17.45 12.84 -33.73
C THR A 457 16.64 12.68 -35.03
N GLY A 458 15.34 12.41 -34.91
CA GLY A 458 14.53 12.03 -36.08
C GLY A 458 14.53 10.53 -36.35
N GLY A 459 15.31 9.78 -35.57
CA GLY A 459 15.05 8.35 -35.35
C GLY A 459 13.73 8.14 -34.61
N ARG A 460 13.39 6.88 -34.35
CA ARG A 460 12.18 6.52 -33.61
C ARG A 460 12.38 6.94 -32.16
N ASN A 461 11.37 7.55 -31.56
CA ASN A 461 11.28 7.74 -30.11
C ASN A 461 11.06 6.41 -29.37
N ASN A 462 12.07 5.96 -28.63
CA ASN A 462 12.00 4.71 -27.88
C ASN A 462 11.22 4.73 -26.56
N TYR A 463 10.96 5.89 -26.01
CA TYR A 463 10.35 5.91 -24.69
C TYR A 463 9.00 5.16 -24.57
N PRO A 464 8.14 5.22 -25.60
CA PRO A 464 6.89 4.48 -25.53
C PRO A 464 7.10 3.00 -25.41
N THR A 465 8.11 2.46 -26.09
CA THR A 465 8.42 1.06 -25.99
C THR A 465 8.83 0.71 -24.58
N ILE A 466 9.61 1.57 -23.96
CA ILE A 466 10.06 1.30 -22.60
C ILE A 466 8.91 1.39 -21.63
N ARG A 467 8.09 2.41 -21.83
CA ARG A 467 6.97 2.66 -20.94
C ARG A 467 6.00 1.49 -20.94
N LYS A 468 5.68 0.99 -22.11
CA LYS A 468 4.74 -0.07 -22.24
C LYS A 468 5.29 -1.35 -21.61
N THR A 469 6.47 -1.76 -22.07
CA THR A 469 7.15 -2.98 -21.68
C THR A 469 7.41 -3.11 -20.20
N LEU A 470 7.71 -2.00 -19.54
CA LEU A 470 7.90 -2.00 -18.12
C LEU A 470 6.70 -1.36 -17.37
N ARG A 471 5.60 -1.12 -18.07
CA ARG A 471 4.36 -0.65 -17.41
C ARG A 471 4.60 0.56 -16.50
N LEU A 472 5.15 1.62 -17.08
CA LEU A 472 5.51 2.80 -16.32
C LEU A 472 4.36 3.74 -16.09
N TRP A 473 3.35 3.66 -16.92
CA TRP A 473 2.14 4.46 -16.75
C TRP A 473 0.95 3.54 -16.66
N MET A 474 0.16 3.69 -15.60
CA MET A 474 -1.15 3.05 -15.47
C MET A 474 -2.19 4.07 -15.04
N ASP A 475 -3.37 3.97 -15.61
CA ASP A 475 -4.50 4.79 -15.20
C ASP A 475 -5.16 4.26 -13.90
N ASP A 476 -5.85 5.16 -13.19
CA ASP A 476 -6.68 4.78 -12.04
C ASP A 476 -6.00 3.83 -11.07
N VAL A 477 -4.88 4.27 -10.54
CA VAL A 477 -4.07 3.51 -9.63
C VAL A 477 -4.64 3.66 -8.21
N ASN A 478 -4.49 2.66 -7.38
CA ASN A 478 -5.03 2.76 -6.01
C ASN A 478 -4.03 3.49 -5.15
N GLU A 479 -4.48 4.59 -4.55
CA GLU A 479 -3.63 5.43 -3.73
C GLU A 479 -3.77 5.14 -2.26
N GLN A 480 -4.88 4.51 -1.88
CA GLN A 480 -5.22 4.19 -0.50
C GLN A 480 -4.61 2.87 0.00
N ASN A 481 -4.69 1.80 -0.80
CA ASN A 481 -3.98 0.55 -0.57
C ASN A 481 -3.22 0.19 -1.83
N PRO A 482 -2.02 0.75 -2.01
CA PRO A 482 -1.30 0.57 -3.25
C PRO A 482 -1.02 -0.89 -3.56
N THR A 483 -1.12 -1.25 -4.83
CA THR A 483 -0.65 -2.56 -5.29
C THR A 483 0.58 -2.47 -6.19
N ASP A 484 1.03 -1.26 -6.51
CA ASP A 484 2.17 -1.11 -7.39
C ASP A 484 2.94 0.16 -7.02
N ILE A 485 4.20 0.24 -7.48
CA ILE A 485 5.09 1.36 -7.13
C ILE A 485 4.63 2.69 -7.73
N SER A 486 3.81 2.62 -8.77
CA SER A 486 3.24 3.80 -9.37
C SER A 486 2.35 4.64 -8.44
N TYR A 487 2.00 4.15 -7.25
CA TYR A 487 1.15 4.94 -6.33
C TYR A 487 1.87 6.24 -5.93
N VAL A 488 3.23 6.19 -5.92
CA VAL A 488 3.96 7.37 -5.51
C VAL A 488 3.85 8.55 -6.46
N TYR A 489 3.53 8.32 -7.74
CA TYR A 489 3.24 9.42 -8.66
C TYR A 489 1.81 9.25 -9.20
N SER A 490 0.93 8.61 -8.45
CA SER A 490 -0.44 8.44 -8.90
C SER A 490 -0.54 7.98 -10.35
N GLY A 491 0.34 7.07 -10.75
CA GLY A 491 0.29 6.50 -12.14
C GLY A 491 1.62 6.14 -12.77
N TYR A 492 2.66 6.89 -12.45
CA TYR A 492 3.94 6.65 -13.03
C TYR A 492 4.77 5.83 -12.07
N ALA A 493 5.18 4.67 -12.53
CA ALA A 493 6.09 3.81 -11.82
C ALA A 493 7.55 4.23 -12.09
N PRO A 494 8.27 4.69 -11.06
CA PRO A 494 9.66 5.13 -11.37
C PRO A 494 10.50 4.09 -12.13
N LEU A 495 11.07 4.48 -13.27
CA LEU A 495 11.83 3.51 -14.11
C LEU A 495 12.93 2.96 -13.28
N SER A 496 13.54 3.82 -12.48
CA SER A 496 14.66 3.37 -11.66
C SER A 496 14.33 2.20 -10.75
N VAL A 497 13.25 2.36 -9.99
CA VAL A 497 12.76 1.33 -9.06
C VAL A 497 12.23 0.12 -9.79
N ARG A 498 11.63 0.34 -10.95
CA ARG A 498 11.11 -0.79 -11.74
C ARG A 498 12.31 -1.65 -12.13
N LEU A 499 13.43 -1.02 -12.46
CA LEU A 499 14.59 -1.79 -12.85
C LEU A 499 15.15 -2.57 -11.67
N ALA A 500 15.07 -1.97 -10.47
CA ALA A 500 15.47 -2.67 -9.26
C ALA A 500 14.58 -3.91 -9.08
N GLN A 501 13.30 -3.70 -9.27
CA GLN A 501 12.32 -4.72 -9.02
C GLN A 501 12.50 -5.94 -9.91
N LEU A 502 12.68 -5.68 -11.20
CA LEU A 502 12.83 -6.71 -12.19
C LEU A 502 14.21 -7.41 -12.17
N LEU A 503 15.22 -6.73 -11.64
CA LEU A 503 16.51 -7.36 -11.39
C LEU A 503 16.31 -8.46 -10.40
N SER A 504 15.55 -8.17 -9.35
CA SER A 504 15.26 -9.13 -8.31
C SER A 504 14.35 -10.27 -8.79
N ARG A 505 13.38 -9.95 -9.64
CA ARG A 505 12.46 -10.96 -10.18
C ARG A 505 11.80 -10.44 -11.46
N PRO A 506 11.93 -11.16 -12.60
CA PRO A 506 12.53 -12.46 -12.77
C PRO A 506 13.97 -12.40 -13.24
N GLY A 507 14.61 -11.23 -13.14
CA GLY A 507 16.01 -11.06 -13.54
C GLY A 507 16.12 -10.25 -14.79
N TRP A 508 17.26 -9.61 -14.99
CA TRP A 508 17.40 -8.69 -16.12
C TRP A 508 17.59 -9.33 -17.49
N ARG A 509 17.75 -10.66 -17.57
CA ARG A 509 17.82 -11.32 -18.86
C ARG A 509 16.46 -11.24 -19.54
N SER A 510 15.39 -11.33 -18.77
CA SER A 510 14.05 -11.16 -19.39
C SER A 510 13.77 -9.72 -19.93
N ILE A 511 14.71 -8.75 -19.77
CA ILE A 511 14.46 -7.40 -20.33
C ILE A 511 15.64 -6.84 -21.10
N GLU A 512 16.42 -7.72 -21.67
CA GLU A 512 17.63 -7.35 -22.39
C GLU A 512 17.38 -6.29 -23.48
N GLU A 513 16.31 -6.39 -24.25
CA GLU A 513 16.06 -5.42 -25.34
C GLU A 513 15.87 -4.01 -24.80
N VAL A 514 15.20 -3.91 -23.66
CA VAL A 514 14.99 -2.62 -23.01
C VAL A 514 16.28 -2.05 -22.41
N LEU A 515 17.04 -2.89 -21.72
CA LEU A 515 18.32 -2.45 -21.19
C LEU A 515 19.27 -1.90 -22.26
N ARG A 516 19.31 -2.53 -23.42
CA ARG A 516 20.19 -2.09 -24.49
C ARG A 516 19.85 -0.72 -25.06
N ILE A 517 18.62 -0.26 -24.91
CA ILE A 517 18.27 1.09 -25.42
C ILE A 517 18.22 2.09 -24.27
N LEU A 518 18.85 1.74 -23.16
CA LEU A 518 19.10 2.63 -22.07
C LEU A 518 20.61 2.81 -21.93
N PRO A 519 21.05 4.00 -21.49
CA PRO A 519 22.46 4.40 -21.48
C PRO A 519 23.44 3.53 -20.67
N GLY A 520 24.61 3.33 -21.23
CA GLY A 520 25.66 2.61 -20.56
C GLY A 520 25.46 1.11 -20.43
N PRO A 521 26.46 0.44 -19.89
CA PRO A 521 26.36 -1.00 -19.76
C PRO A 521 25.57 -1.47 -18.56
N HIS A 522 25.14 -2.73 -18.63
CA HIS A 522 24.65 -3.46 -17.47
C HIS A 522 25.66 -4.56 -17.21
N PHE A 523 26.01 -4.78 -15.95
CA PHE A 523 27.02 -5.76 -15.63
C PHE A 523 26.71 -6.40 -14.29
N GLU A 524 27.37 -7.51 -14.05
CA GLU A 524 27.47 -8.07 -12.72
C GLU A 524 28.91 -8.46 -12.44
N GLU A 525 29.28 -8.41 -11.16
CA GLU A 525 30.62 -8.80 -10.72
C GLU A 525 30.39 -9.55 -9.44
N ARG A 526 31.34 -10.39 -9.07
CA ARG A 526 31.28 -11.21 -7.87
C ARG A 526 32.52 -10.96 -7.06
N GLN A 527 32.35 -10.70 -5.78
CA GLN A 527 33.47 -10.57 -4.91
C GLN A 527 33.57 -11.83 -4.06
N PRO A 528 34.78 -12.45 -4.00
CA PRO A 528 34.90 -13.75 -3.34
C PRO A 528 34.82 -13.67 -1.81
N LEU A 529 34.27 -14.72 -1.19
CA LEU A 529 34.21 -14.85 0.27
C LEU A 529 34.90 -16.10 0.81
N PRO A 530 35.50 -15.97 2.01
CA PRO A 530 35.91 -17.20 2.76
C PRO A 530 34.71 -18.07 3.18
N ASN A 542 14.92 -13.61 3.09
CA ASN A 542 14.92 -12.29 2.43
C ASN A 542 16.33 -11.72 2.23
N ARG A 543 16.72 -11.62 0.97
CA ARG A 543 17.93 -10.91 0.61
C ARG A 543 17.88 -9.39 0.94
N VAL A 544 19.03 -8.81 1.26
CA VAL A 544 19.14 -7.36 1.42
C VAL A 544 19.95 -6.79 0.30
N THR A 545 19.37 -5.86 -0.44
CA THR A 545 20.04 -5.19 -1.55
C THR A 545 20.33 -3.74 -1.20
N LEU A 546 21.59 -3.35 -1.39
CA LEU A 546 22.02 -1.96 -1.26
C LEU A 546 21.89 -1.34 -2.61
N ILE A 547 21.13 -0.26 -2.72
CA ILE A 547 20.86 0.31 -4.02
C ILE A 547 21.41 1.73 -4.00
N PHE A 548 22.32 1.99 -4.92
CA PHE A 548 23.12 3.19 -4.86
C PHE A 548 22.82 4.07 -6.06
N PHE A 549 22.18 5.22 -5.85
CA PHE A 549 21.80 6.09 -6.95
C PHE A 549 22.92 7.03 -7.17
N LEU A 550 23.56 6.90 -8.33
CA LEU A 550 24.70 7.71 -8.66
C LEU A 550 24.17 8.88 -9.47
N GLY A 551 24.09 10.05 -8.84
CA GLY A 551 23.55 11.25 -9.44
C GLY A 551 22.24 11.72 -8.80
N GLY A 552 21.82 11.13 -7.65
CA GLY A 552 20.65 11.61 -6.89
C GLY A 552 19.45 10.69 -6.86
N VAL A 553 18.66 10.83 -5.79
CA VAL A 553 17.40 10.08 -5.66
C VAL A 553 16.35 10.92 -5.00
N THR A 554 15.09 10.69 -5.34
CA THR A 554 14.00 11.41 -4.79
C THR A 554 13.40 10.67 -3.61
N PHE A 555 12.67 11.38 -2.76
CA PHE A 555 11.92 10.73 -1.70
C PHE A 555 10.80 9.78 -2.22
N ALA A 556 10.18 10.11 -3.34
CA ALA A 556 9.24 9.24 -3.96
C ALA A 556 9.82 7.89 -4.38
N GLU A 557 11.00 7.91 -5.02
CA GLU A 557 11.71 6.70 -5.35
C GLU A 557 12.03 5.87 -4.12
N ILE A 558 12.44 6.56 -3.06
CA ILE A 558 12.70 5.92 -1.79
C ILE A 558 11.43 5.23 -1.22
N ALA A 559 10.32 5.97 -1.22
CA ALA A 559 9.03 5.40 -0.84
C ALA A 559 8.72 4.18 -1.62
N ALA A 560 9.01 4.18 -2.92
CA ALA A 560 8.66 3.04 -3.76
C ALA A 560 9.50 1.83 -3.44
N LEU A 561 10.75 2.06 -3.11
CA LEU A 561 11.67 0.99 -2.69
C LEU A 561 11.27 0.46 -1.33
N ARG A 562 10.82 1.32 -0.42
CA ARG A 562 10.26 0.79 0.85
C ARG A 562 8.98 -0.05 0.61
N PHE A 563 8.21 0.31 -0.41
CA PHE A 563 7.05 -0.45 -0.79
C PHE A 563 7.50 -1.85 -1.27
N LEU A 564 8.55 -1.92 -2.07
CA LEU A 564 8.97 -3.22 -2.53
C LEU A 564 9.43 -4.10 -1.35
N SER A 565 10.12 -3.47 -0.41
CA SER A 565 10.70 -4.19 0.70
C SER A 565 9.67 -4.77 1.63
N GLN A 566 8.45 -4.24 1.65
CA GLN A 566 7.40 -4.75 2.54
C GLN A 566 6.42 -5.68 1.83
N LEU A 567 6.60 -5.95 0.55
CA LEU A 567 5.82 -7.03 -0.07
C LEU A 567 6.35 -8.35 0.44
N GLU A 568 5.48 -9.17 1.04
CA GLU A 568 5.80 -10.56 1.48
C GLU A 568 6.40 -11.43 0.34
N ASP A 569 5.84 -11.28 -0.86
CA ASP A 569 6.28 -12.07 -2.04
C ASP A 569 7.63 -11.65 -2.66
N GLY A 570 7.96 -10.36 -2.62
CA GLY A 570 9.07 -9.75 -3.39
C GLY A 570 10.49 -10.24 -3.13
N GLY A 571 10.71 -10.80 -1.93
CA GLY A 571 11.95 -11.51 -1.58
C GLY A 571 13.23 -10.69 -1.57
N THR A 572 13.10 -9.38 -1.38
CA THR A 572 14.23 -8.47 -1.40
C THR A 572 13.88 -7.22 -0.59
N GLU A 573 14.78 -6.82 0.31
CA GLU A 573 14.65 -5.58 1.04
C GLU A 573 15.75 -4.64 0.63
N TYR A 574 15.42 -3.35 0.56
CA TYR A 574 16.34 -2.36 0.02
C TYR A 574 16.87 -1.47 1.09
N VAL A 575 18.15 -1.15 1.00
CA VAL A 575 18.75 -0.05 1.77
C VAL A 575 19.24 0.91 0.71
N ILE A 576 18.84 2.16 0.83
CA ILE A 576 19.05 3.11 -0.23
C ILE A 576 20.27 3.96 0.08
N ALA A 577 21.16 4.03 -0.90
CA ALA A 577 22.30 4.92 -0.84
C ALA A 577 22.28 5.84 -2.04
N THR A 578 22.84 7.04 -1.85
CA THR A 578 22.81 8.06 -2.90
C THR A 578 23.91 9.06 -2.72
N THR A 579 24.25 9.69 -3.85
CA THR A 579 25.16 10.80 -3.83
C THR A 579 24.51 12.04 -3.31
N LYS A 580 23.18 12.13 -3.42
CA LYS A 580 22.42 13.31 -3.00
C LYS A 580 20.90 13.03 -2.95
N LEU A 581 20.28 13.47 -1.88
CA LEU A 581 18.85 13.57 -1.81
C LEU A 581 18.45 14.83 -2.56
N MET A 582 17.66 14.66 -3.61
CA MET A 582 17.20 15.80 -4.36
C MET A 582 15.77 15.64 -4.84
N ASN A 583 15.25 16.76 -5.36
CA ASN A 583 14.06 16.83 -6.18
C ASN A 583 14.32 17.58 -7.47
N GLY A 584 13.38 17.58 -8.37
CA GLY A 584 13.56 18.19 -9.67
C GLY A 584 14.01 19.65 -9.60
N THR A 585 13.55 20.37 -8.58
CA THR A 585 13.87 21.77 -8.45
C THR A 585 15.34 21.94 -8.06
N SER A 586 15.80 21.27 -6.98
CA SER A 586 17.21 21.33 -6.59
C SER A 586 18.13 20.64 -7.61
N TRP A 587 17.63 19.69 -8.37
CA TRP A 587 18.45 19.04 -9.37
C TRP A 587 18.79 20.00 -10.52
N ILE A 588 17.78 20.66 -11.03
CA ILE A 588 18.01 21.60 -12.08
C ILE A 588 18.79 22.82 -11.58
N GLU A 589 18.55 23.27 -10.36
CA GLU A 589 19.27 24.40 -9.85
C GLU A 589 20.79 24.14 -9.82
N ALA A 590 21.18 22.90 -9.51
CA ALA A 590 22.60 22.54 -9.46
C ALA A 590 23.20 22.50 -10.86
N LEU A 591 22.37 22.57 -11.89
CA LEU A 591 22.84 22.75 -13.26
C LEU A 591 22.82 24.20 -13.73
N MET A 592 22.43 25.12 -12.87
CA MET A 592 22.42 26.52 -13.22
C MET A 592 23.68 27.16 -12.67
N GLU A 593 24.06 28.27 -13.27
CA GLU A 593 25.27 28.94 -12.85
C GLU A 593 25.03 29.77 -11.57
N LYS A 594 25.81 29.44 -10.53
CA LYS A 594 25.75 30.17 -9.26
C LYS A 594 26.36 31.56 -9.52
N PRO A 595 25.79 32.63 -8.91
CA PRO A 595 24.54 32.81 -8.11
C PRO A 595 23.28 33.09 -8.96
N PHE A 596 22.10 33.00 -8.34
CA PHE A 596 20.80 33.15 -9.05
C PHE A 596 20.23 34.57 -9.04
N HIS A 597 19.12 34.79 -9.77
CA HIS A 597 18.57 36.14 -9.99
C HIS A 597 17.35 36.46 -9.11
N ALA B 2 -27.32 -15.60 -18.22
CA ALA B 2 -26.27 -16.48 -17.66
C ALA B 2 -26.91 -17.76 -17.14
N ALA B 3 -26.63 -18.88 -17.79
CA ALA B 3 -27.28 -20.12 -17.49
C ALA B 3 -26.98 -20.59 -16.09
N HIS B 4 -25.76 -20.32 -15.59
CA HIS B 4 -25.41 -20.76 -14.24
C HIS B 4 -26.26 -20.10 -13.13
N LEU B 5 -26.89 -18.94 -13.40
CA LEU B 5 -27.77 -18.34 -12.42
C LEU B 5 -29.13 -19.04 -12.26
N SER B 6 -29.39 -20.03 -13.09
CA SER B 6 -30.65 -20.75 -13.07
C SER B 6 -30.36 -22.19 -12.67
N TYR B 7 -30.59 -22.51 -11.40
CA TYR B 7 -30.34 -23.84 -10.90
C TYR B 7 -31.63 -24.47 -10.39
N GLY B 8 -32.04 -25.53 -11.09
CA GLY B 8 -33.33 -26.16 -10.89
C GLY B 8 -34.43 -25.14 -11.00
N ARG B 9 -35.09 -24.91 -9.87
CA ARG B 9 -36.37 -24.20 -9.79
C ARG B 9 -36.21 -22.65 -9.62
N VAL B 10 -35.03 -22.24 -9.14
CA VAL B 10 -34.73 -20.83 -8.89
C VAL B 10 -33.93 -20.22 -10.03
N ASN B 11 -34.55 -19.34 -10.80
CA ASN B 11 -33.89 -18.70 -11.88
C ASN B 11 -33.56 -17.28 -11.45
N LEU B 12 -32.31 -17.09 -11.06
CA LEU B 12 -31.87 -15.79 -10.59
C LEU B 12 -31.56 -14.79 -11.69
N ASN B 13 -31.75 -15.17 -12.96
CA ASN B 13 -31.80 -14.18 -14.03
C ASN B 13 -32.98 -13.23 -13.92
N VAL B 14 -34.08 -13.68 -13.31
CA VAL B 14 -35.25 -12.80 -13.18
C VAL B 14 -34.86 -11.56 -12.34
N LEU B 15 -34.13 -11.80 -11.26
CA LEU B 15 -33.64 -10.75 -10.41
C LEU B 15 -32.58 -9.93 -11.12
N ARG B 16 -31.61 -10.59 -11.67
CA ARG B 16 -30.52 -9.86 -12.34
C ARG B 16 -31.06 -9.02 -13.50
N GLU B 17 -31.98 -9.59 -14.28
CA GLU B 17 -32.48 -8.87 -15.44
C GLU B 17 -33.30 -7.68 -15.00
N ALA B 18 -33.94 -7.79 -13.85
CA ALA B 18 -34.73 -6.69 -13.28
C ALA B 18 -33.87 -5.51 -12.85
N VAL B 19 -32.75 -5.79 -12.20
CA VAL B 19 -31.86 -4.72 -11.74
C VAL B 19 -31.11 -4.14 -12.92
N ARG B 20 -30.73 -4.99 -13.88
CA ARG B 20 -30.18 -4.52 -15.16
C ARG B 20 -31.15 -3.63 -15.94
N ARG B 21 -32.46 -3.83 -15.79
CA ARG B 21 -33.44 -2.93 -16.41
C ARG B 21 -33.50 -1.59 -15.66
N GLU B 22 -33.62 -1.61 -14.34
CA GLU B 22 -33.68 -0.35 -13.58
C GLU B 22 -32.47 0.53 -13.86
N LEU B 23 -31.34 -0.12 -14.06
CA LEU B 23 -30.11 0.58 -14.37
C LEU B 23 -30.21 1.30 -15.69
N ARG B 24 -30.60 0.56 -16.72
CA ARG B 24 -30.77 1.13 -18.05
C ARG B 24 -31.64 2.34 -17.90
N GLU B 25 -32.79 2.13 -17.25
CA GLU B 25 -33.81 3.15 -17.17
C GLU B 25 -33.26 4.39 -16.53
N PHE B 26 -32.51 4.23 -15.44
CA PHE B 26 -31.85 5.39 -14.83
C PHE B 26 -30.77 6.06 -15.70
N LEU B 27 -30.00 5.28 -16.44
CA LEU B 27 -29.00 5.86 -17.33
C LEU B 27 -29.67 6.69 -18.44
N ASP B 28 -30.79 6.18 -18.95
CA ASP B 28 -31.55 6.92 -19.97
C ASP B 28 -32.10 8.26 -19.44
N LYS B 29 -32.43 8.29 -18.16
CA LYS B 29 -32.91 9.49 -17.49
C LYS B 29 -31.82 10.59 -17.36
N CYS B 30 -30.53 10.21 -17.34
CA CYS B 30 -29.44 11.20 -17.42
C CYS B 30 -28.94 11.28 -18.85
N ALA B 31 -29.85 11.65 -19.74
CA ALA B 31 -29.59 11.62 -21.18
C ALA B 31 -28.37 12.45 -21.60
N GLY B 32 -27.77 12.09 -22.73
CA GLY B 32 -26.50 12.69 -23.15
C GLY B 32 -25.37 11.87 -22.58
N SER B 33 -24.15 12.11 -23.05
CA SER B 33 -22.98 11.34 -22.59
C SER B 33 -22.74 11.48 -21.07
N LYS B 34 -22.10 10.44 -20.52
CA LYS B 34 -21.94 10.27 -19.08
C LYS B 34 -20.55 9.78 -18.73
N ALA B 35 -20.00 10.29 -17.64
CA ALA B 35 -18.95 9.59 -16.93
C ALA B 35 -19.45 9.25 -15.53
N ILE B 36 -19.26 8.00 -15.11
CA ILE B 36 -19.60 7.56 -13.74
C ILE B 36 -18.37 7.68 -12.85
N VAL B 37 -18.57 8.26 -11.67
CA VAL B 37 -17.53 8.37 -10.66
C VAL B 37 -17.89 7.41 -9.56
N TRP B 38 -17.07 6.37 -9.40
CA TRP B 38 -17.38 5.22 -8.55
C TRP B 38 -16.74 5.32 -7.18
N ASP B 39 -17.57 5.28 -6.14
CA ASP B 39 -17.19 4.82 -4.82
C ASP B 39 -16.50 3.48 -5.04
N GLU B 40 -15.23 3.38 -4.67
CA GLU B 40 -14.38 2.25 -5.03
C GLU B 40 -15.06 0.93 -4.66
N TYR B 41 -15.59 0.89 -3.44
CA TYR B 41 -16.26 -0.26 -2.89
C TYR B 41 -17.37 -0.88 -3.77
N LEU B 42 -18.04 -0.07 -4.59
CA LEU B 42 -19.11 -0.59 -5.42
C LEU B 42 -18.67 -1.19 -6.74
N THR B 43 -17.43 -0.95 -7.19
CA THR B 43 -17.01 -1.42 -8.56
C THR B 43 -17.09 -2.93 -8.69
N GLY B 44 -16.57 -3.64 -7.71
CA GLY B 44 -16.50 -5.09 -7.74
C GLY B 44 -17.87 -5.76 -7.82
N PRO B 45 -18.78 -5.48 -6.85
CA PRO B 45 -20.14 -6.05 -6.80
C PRO B 45 -20.99 -5.73 -8.00
N PHE B 46 -20.89 -4.50 -8.46
CA PHE B 46 -21.55 -4.12 -9.70
C PHE B 46 -21.15 -4.95 -10.91
N GLY B 47 -19.92 -5.44 -10.94
CA GLY B 47 -19.45 -6.24 -12.05
C GLY B 47 -20.31 -7.45 -12.31
N LEU B 48 -20.95 -7.96 -11.27
CA LEU B 48 -21.83 -9.13 -11.37
C LEU B 48 -23.18 -8.84 -11.98
N ILE B 49 -23.53 -7.56 -12.06
CA ILE B 49 -24.80 -7.08 -12.63
C ILE B 49 -24.59 -6.56 -14.06
N ALA B 50 -23.59 -5.70 -14.23
CA ALA B 50 -23.27 -5.23 -15.57
C ALA B 50 -21.80 -4.85 -15.75
N GLN B 51 -21.34 -5.12 -16.97
CA GLN B 51 -19.98 -4.89 -17.40
C GLN B 51 -19.97 -3.58 -18.20
N TYR B 52 -18.80 -3.16 -18.67
CA TYR B 52 -18.69 -1.92 -19.44
C TYR B 52 -19.50 -1.97 -20.74
N SER B 53 -19.54 -3.14 -21.37
CA SER B 53 -20.27 -3.30 -22.63
C SER B 53 -21.68 -2.72 -22.53
N LEU B 54 -22.42 -3.08 -21.48
CA LEU B 54 -23.76 -2.56 -21.23
C LEU B 54 -23.81 -1.05 -21.00
N LEU B 55 -22.88 -0.55 -20.19
CA LEU B 55 -22.85 0.87 -19.87
C LEU B 55 -22.53 1.70 -21.09
N LYS B 56 -21.66 1.19 -21.96
CA LYS B 56 -21.39 1.87 -23.24
C LYS B 56 -22.68 2.03 -24.06
N GLU B 57 -23.53 0.98 -24.06
CA GLU B 57 -24.85 1.03 -24.76
C GLU B 57 -25.69 2.25 -24.36
N HIS B 58 -25.47 2.76 -23.15
CA HIS B 58 -26.18 3.94 -22.68
C HIS B 58 -25.27 5.16 -22.49
N GLU B 59 -24.37 5.36 -23.46
CA GLU B 59 -23.49 6.54 -23.54
C GLU B 59 -22.67 6.86 -22.29
N VAL B 60 -22.30 5.83 -21.54
CA VAL B 60 -21.24 6.01 -20.52
C VAL B 60 -19.90 5.89 -21.22
N GLU B 61 -19.30 7.02 -21.54
CA GLU B 61 -18.04 7.01 -22.29
C GLU B 61 -16.80 6.93 -21.41
N LYS B 62 -16.94 7.11 -20.09
CA LYS B 62 -15.77 7.08 -19.19
C LYS B 62 -16.14 6.73 -17.74
N MET B 63 -15.18 6.16 -17.01
CA MET B 63 -15.41 5.75 -15.62
C MET B 63 -14.23 6.11 -14.75
N PHE B 64 -14.45 6.83 -13.66
CA PHE B 64 -13.39 7.19 -12.70
C PHE B 64 -13.73 6.69 -11.33
N THR B 65 -12.75 6.78 -10.45
CA THR B 65 -12.89 6.35 -9.08
C THR B 65 -13.01 7.62 -8.29
N LEU B 66 -13.86 7.59 -7.28
CA LEU B 66 -14.07 8.73 -6.43
C LEU B 66 -12.76 8.91 -5.68
N LYS B 67 -11.95 9.89 -6.08
CA LYS B 67 -10.68 10.24 -5.41
C LYS B 67 -10.79 11.57 -4.69
N GLY B 68 -11.52 12.50 -5.28
CA GLY B 68 -11.61 13.82 -4.74
C GLY B 68 -10.79 14.83 -5.52
N ASN B 69 -10.71 16.03 -4.96
CA ASN B 69 -10.08 17.18 -5.60
C ASN B 69 -10.80 17.54 -6.90
N ARG B 70 -10.10 17.53 -8.03
CA ARG B 70 -10.68 17.89 -9.30
C ARG B 70 -10.87 16.63 -10.13
N LEU B 71 -12.03 16.55 -10.76
CA LEU B 71 -12.29 15.46 -11.64
C LEU B 71 -11.49 15.65 -12.93
N PRO B 72 -11.00 14.55 -13.50
CA PRO B 72 -10.35 14.67 -14.80
C PRO B 72 -11.30 15.29 -15.83
N ALA B 73 -10.75 16.07 -16.75
CA ALA B 73 -11.57 16.64 -17.80
C ALA B 73 -12.03 15.49 -18.72
N ALA B 74 -13.12 15.76 -19.44
CA ALA B 74 -13.76 14.76 -20.28
C ALA B 74 -14.98 15.45 -20.85
N ASP B 75 -15.10 15.56 -22.17
CA ASP B 75 -16.24 16.30 -22.78
C ASP B 75 -17.48 15.39 -22.82
N VAL B 76 -18.02 15.16 -21.62
CA VAL B 76 -19.28 14.51 -21.45
C VAL B 76 -20.21 15.54 -20.88
N LYS B 77 -21.47 15.41 -21.21
CA LYS B 77 -22.52 16.27 -20.71
C LYS B 77 -22.81 15.97 -19.23
N ASN B 78 -22.56 14.73 -18.80
CA ASN B 78 -22.96 14.31 -17.48
C ASN B 78 -21.85 13.70 -16.68
N ILE B 79 -21.88 13.98 -15.38
CA ILE B 79 -21.08 13.28 -14.41
C ILE B 79 -22.03 12.66 -13.42
N ILE B 80 -21.91 11.36 -13.20
CA ILE B 80 -22.78 10.65 -12.27
C ILE B 80 -21.99 9.97 -11.19
N PHE B 81 -22.27 10.33 -9.93
CA PHE B 81 -21.68 9.62 -8.81
C PHE B 81 -22.52 8.39 -8.46
N PHE B 82 -21.90 7.23 -8.44
CA PHE B 82 -22.51 6.00 -7.93
C PHE B 82 -21.82 5.80 -6.60
N VAL B 83 -22.53 6.08 -5.54
CA VAL B 83 -21.94 6.08 -4.23
C VAL B 83 -22.86 5.33 -3.27
N ARG B 84 -22.27 4.83 -2.19
CA ARG B 84 -23.05 4.30 -1.08
C ARG B 84 -23.44 5.47 -0.21
N PRO B 85 -24.59 5.34 0.50
CA PRO B 85 -25.04 6.45 1.37
C PRO B 85 -24.24 6.60 2.65
N ARG B 86 -23.03 7.16 2.57
CA ARG B 86 -22.13 7.29 3.73
C ARG B 86 -21.58 8.67 3.73
N LEU B 87 -21.28 9.20 4.91
CA LEU B 87 -21.02 10.65 5.06
C LEU B 87 -19.64 11.09 4.59
N GLU B 88 -18.62 10.31 4.91
CA GLU B 88 -17.22 10.55 4.49
C GLU B 88 -17.12 10.82 2.98
N LEU B 89 -17.84 10.00 2.23
CA LEU B 89 -17.87 10.10 0.77
C LEU B 89 -18.55 11.39 0.26
N MET B 90 -19.63 11.82 0.93
CA MET B 90 -20.31 13.09 0.60
C MET B 90 -19.34 14.28 0.56
N ASP B 91 -18.48 14.37 1.57
CA ASP B 91 -17.44 15.40 1.57
C ASP B 91 -16.60 15.33 0.31
N ILE B 92 -16.17 14.13 -0.09
CA ILE B 92 -15.31 13.98 -1.28
C ILE B 92 -16.09 14.38 -2.52
N ILE B 93 -17.36 14.02 -2.57
CA ILE B 93 -18.23 14.44 -3.67
C ILE B 93 -18.26 15.96 -3.79
N ALA B 94 -18.35 16.66 -2.66
CA ALA B 94 -18.41 18.13 -2.68
C ALA B 94 -17.14 18.76 -3.28
N GLU B 95 -15.97 18.33 -2.80
CA GLU B 95 -14.71 18.74 -3.42
C GLU B 95 -14.81 18.70 -4.94
N ASN B 96 -15.27 17.56 -5.47
CA ASN B 96 -15.42 17.39 -6.91
C ASN B 96 -16.36 18.44 -7.52
N VAL B 97 -17.49 18.69 -6.88
CA VAL B 97 -18.45 19.63 -7.46
C VAL B 97 -17.90 21.05 -7.45
N LEU B 98 -17.16 21.39 -6.40
CA LEU B 98 -16.66 22.78 -6.20
C LEU B 98 -15.34 23.00 -6.92
N SER B 99 -14.55 21.93 -7.04
CA SER B 99 -13.27 21.98 -7.76
C SER B 99 -13.39 22.01 -9.27
N GLU B 100 -14.60 22.16 -9.81
CA GLU B 100 -14.81 22.02 -11.25
C GLU B 100 -14.20 23.15 -11.99
N ASP B 101 -13.54 22.82 -13.09
CA ASP B 101 -12.94 23.82 -13.95
C ASP B 101 -14.07 24.72 -14.51
N ARG B 102 -13.98 26.03 -14.25
CA ARG B 102 -14.97 27.00 -14.73
C ARG B 102 -14.60 27.58 -16.09
N ARG B 103 -13.44 27.16 -16.63
CA ARG B 103 -12.94 27.68 -17.91
C ARG B 103 -13.41 26.79 -19.05
N GLY B 104 -14.09 25.70 -18.71
CA GLY B 104 -14.44 24.68 -19.67
C GLY B 104 -15.93 24.64 -19.86
N PRO B 105 -16.41 23.70 -20.67
CA PRO B 105 -17.86 23.50 -20.71
C PRO B 105 -18.35 22.97 -19.36
N THR B 106 -19.57 23.33 -18.99
CA THR B 106 -20.17 22.93 -17.72
C THR B 106 -20.68 21.50 -17.87
N ARG B 107 -20.40 20.69 -16.86
CA ARG B 107 -20.89 19.33 -16.81
C ARG B 107 -22.00 19.26 -15.78
N ASP B 108 -23.02 18.49 -16.10
CA ASP B 108 -24.17 18.36 -15.23
C ASP B 108 -23.87 17.26 -14.28
N PHE B 109 -24.32 17.44 -13.04
CA PHE B 109 -24.05 16.52 -11.97
C PHE B 109 -25.31 15.77 -11.57
N HIS B 110 -25.14 14.47 -11.33
CA HIS B 110 -26.17 13.58 -10.85
C HIS B 110 -25.59 12.63 -9.80
N ILE B 111 -26.44 12.08 -8.94
CA ILE B 111 -25.98 11.17 -7.91
C ILE B 111 -26.95 10.01 -7.83
N LEU B 112 -26.41 8.81 -7.69
CA LEU B 112 -27.18 7.61 -7.60
C LEU B 112 -26.77 6.94 -6.33
N PHE B 113 -27.63 6.96 -5.33
CA PHE B 113 -27.34 6.27 -4.07
C PHE B 113 -27.61 4.81 -4.23
N VAL B 114 -26.70 3.99 -3.72
CA VAL B 114 -26.78 2.51 -3.80
C VAL B 114 -26.68 1.86 -2.41
N PRO B 115 -27.73 1.12 -1.97
CA PRO B 115 -29.00 0.81 -2.66
C PRO B 115 -30.06 1.91 -2.61
N ARG B 116 -29.94 2.89 -1.68
CA ARG B 116 -30.94 3.95 -1.54
C ARG B 116 -30.38 5.15 -0.76
N ARG B 117 -31.04 6.30 -0.88
CA ARG B 117 -30.57 7.53 -0.25
C ARG B 117 -30.73 7.44 1.25
N SER B 118 -30.14 8.40 1.99
CA SER B 118 -30.39 8.54 3.42
C SER B 118 -30.61 10.01 3.71
N LEU B 119 -31.43 10.31 4.72
CA LEU B 119 -31.65 11.70 5.17
C LEU B 119 -30.33 12.41 5.54
N LEU B 120 -29.56 11.77 6.40
CA LEU B 120 -28.34 12.36 6.97
C LEU B 120 -27.39 12.83 5.89
N CYS B 121 -27.29 12.03 4.82
CA CYS B 121 -26.36 12.29 3.71
C CYS B 121 -26.69 13.57 2.99
N GLU B 122 -27.93 13.67 2.56
CA GLU B 122 -28.39 14.82 1.80
C GLU B 122 -28.24 16.08 2.63
N GLN B 123 -28.38 15.95 3.95
CA GLN B 123 -28.12 17.08 4.84
C GLN B 123 -26.64 17.49 4.84
N ARG B 124 -25.74 16.53 4.66
CA ARG B 124 -24.31 16.83 4.56
C ARG B 124 -24.00 17.57 3.24
N LEU B 125 -24.73 17.22 2.18
CA LEU B 125 -24.58 17.89 0.87
C LEU B 125 -25.22 19.30 0.87
N LYS B 126 -26.38 19.44 1.50
CA LYS B 126 -27.07 20.76 1.61
C LYS B 126 -26.26 21.74 2.45
N ASP B 127 -25.66 21.23 3.53
CA ASP B 127 -24.83 22.04 4.43
C ASP B 127 -23.51 22.39 3.74
N LEU B 128 -23.00 21.48 2.91
CA LEU B 128 -21.76 21.74 2.14
C LEU B 128 -21.99 22.66 0.94
N GLY B 129 -23.26 22.89 0.57
CA GLY B 129 -23.63 23.84 -0.47
C GLY B 129 -24.06 23.18 -1.77
N VAL B 130 -23.46 22.03 -2.06
CA VAL B 130 -23.58 21.38 -3.37
C VAL B 130 -24.89 20.63 -3.65
N LEU B 131 -25.78 20.48 -2.66
CA LEU B 131 -26.99 19.69 -2.85
C LEU B 131 -27.77 20.17 -4.07
N GLY B 132 -27.88 21.48 -4.21
CA GLY B 132 -28.66 22.07 -5.28
C GLY B 132 -28.12 21.88 -6.69
N SER B 133 -26.90 21.37 -6.83
CA SER B 133 -26.20 21.24 -8.13
C SER B 133 -26.48 19.92 -8.83
N PHE B 134 -27.07 18.98 -8.10
CA PHE B 134 -27.44 17.71 -8.69
C PHE B 134 -28.79 17.85 -9.37
N ILE B 135 -28.83 17.48 -10.64
CA ILE B 135 -30.07 17.42 -11.37
C ILE B 135 -30.91 16.26 -10.81
N HIS B 136 -30.50 15.03 -11.11
CA HIS B 136 -31.14 13.81 -10.64
C HIS B 136 -30.46 13.26 -9.40
N ARG B 137 -31.18 13.28 -8.28
CA ARG B 137 -30.89 12.43 -7.15
C ARG B 137 -31.82 11.22 -7.29
N GLU B 138 -31.27 10.03 -7.11
CA GLU B 138 -32.01 8.80 -7.37
C GLU B 138 -31.41 7.69 -6.51
N GLU B 139 -32.06 6.54 -6.53
CA GLU B 139 -31.58 5.39 -5.81
C GLU B 139 -31.69 4.16 -6.72
N TYR B 140 -30.83 3.17 -6.48
CA TYR B 140 -30.78 1.95 -7.29
C TYR B 140 -30.76 0.82 -6.35
N SER B 141 -31.87 0.12 -6.26
CA SER B 141 -32.13 -0.78 -5.14
C SER B 141 -31.49 -2.14 -5.36
N LEU B 142 -30.17 -2.15 -5.32
CA LEU B 142 -29.40 -3.35 -5.51
C LEU B 142 -29.07 -3.79 -4.13
N ASP B 143 -29.82 -4.78 -3.63
CA ASP B 143 -29.66 -5.29 -2.29
C ASP B 143 -29.05 -6.67 -2.44
N LEU B 144 -29.83 -7.70 -2.70
CA LEU B 144 -29.24 -9.04 -2.94
C LEU B 144 -28.68 -9.20 -4.34
N ILE B 145 -27.39 -9.52 -4.43
CA ILE B 145 -26.72 -9.68 -5.71
C ILE B 145 -26.45 -11.15 -6.04
N PRO B 146 -26.92 -11.61 -7.21
CA PRO B 146 -26.72 -13.02 -7.56
C PRO B 146 -25.26 -13.32 -7.84
N PHE B 147 -24.66 -14.25 -7.07
CA PHE B 147 -23.25 -14.73 -7.29
C PHE B 147 -23.17 -16.07 -8.01
N ASP B 148 -24.24 -16.86 -7.88
CA ASP B 148 -24.37 -18.15 -8.56
C ASP B 148 -25.84 -18.62 -8.40
N GLY B 149 -26.15 -19.78 -8.96
CA GLY B 149 -27.53 -20.25 -9.04
C GLY B 149 -28.19 -20.49 -7.71
N ASP B 150 -27.40 -20.74 -6.67
CA ASP B 150 -27.90 -20.90 -5.30
C ASP B 150 -27.22 -19.88 -4.33
N LEU B 151 -26.75 -18.75 -4.82
CA LEU B 151 -26.03 -17.85 -3.93
C LEU B 151 -26.25 -16.37 -4.22
N LEU B 152 -26.73 -15.67 -3.19
CA LEU B 152 -26.94 -14.23 -3.22
C LEU B 152 -26.20 -13.56 -2.08
N SER B 153 -25.65 -12.37 -2.32
CA SER B 153 -25.04 -11.60 -1.24
C SER B 153 -25.30 -10.11 -1.38
N MET B 154 -25.53 -9.46 -0.25
CA MET B 154 -25.53 -8.02 -0.17
C MET B 154 -24.18 -7.38 -0.35
N GLU B 155 -23.10 -8.13 -0.14
CA GLU B 155 -21.73 -7.58 -0.01
C GLU B 155 -21.65 -6.28 0.78
N SER B 156 -22.18 -6.36 1.99
CA SER B 156 -22.19 -5.27 2.95
C SER B 156 -21.21 -5.65 4.07
N GLU B 157 -19.98 -5.23 3.90
CA GLU B 157 -18.89 -5.62 4.79
C GLU B 157 -19.06 -5.21 6.23
N GLY B 158 -19.47 -3.95 6.42
CA GLY B 158 -19.66 -3.38 7.74
C GLY B 158 -20.87 -3.92 8.49
N ALA B 159 -21.64 -4.85 7.94
CA ALA B 159 -22.93 -5.18 8.52
C ALA B 159 -22.83 -5.82 9.89
N PHE B 160 -21.83 -6.65 10.06
CA PHE B 160 -21.57 -7.27 11.33
C PHE B 160 -21.16 -6.21 12.37
N LYS B 161 -20.21 -5.38 12.01
CA LYS B 161 -19.70 -4.37 12.91
C LYS B 161 -20.84 -3.42 13.36
N GLU B 162 -21.68 -3.02 12.41
CA GLU B 162 -22.74 -2.07 12.64
C GLU B 162 -23.76 -2.64 13.61
N CYS B 163 -24.30 -3.82 13.30
CA CYS B 163 -25.38 -4.42 14.10
C CYS B 163 -24.89 -4.81 15.47
N TYR B 164 -23.72 -5.44 15.55
CA TYR B 164 -23.27 -6.03 16.83
C TYR B 164 -22.41 -5.08 17.67
N LEU B 165 -21.73 -4.11 17.05
CA LEU B 165 -20.92 -3.15 17.81
C LEU B 165 -21.45 -1.73 17.90
N GLU B 166 -22.13 -1.22 16.89
CA GLU B 166 -22.40 0.20 16.81
C GLU B 166 -23.86 0.56 17.04
N GLY B 167 -24.67 -0.42 17.43
CA GLY B 167 -26.12 -0.25 17.54
C GLY B 167 -26.87 0.18 16.28
N ASP B 168 -26.25 -0.01 15.11
CA ASP B 168 -26.80 0.42 13.84
C ASP B 168 -27.35 -0.79 13.03
N GLN B 169 -28.68 -0.85 12.88
CA GLN B 169 -29.37 -1.93 12.15
C GLN B 169 -29.75 -1.54 10.71
N THR B 170 -29.08 -0.54 10.14
CA THR B 170 -29.39 -0.10 8.79
C THR B 170 -29.32 -1.25 7.76
N SER B 171 -28.37 -2.15 7.91
CA SER B 171 -28.25 -3.27 6.98
C SER B 171 -29.49 -4.20 7.02
N LEU B 172 -30.07 -4.36 8.20
CA LEU B 172 -31.20 -5.25 8.37
C LEU B 172 -32.39 -4.73 7.60
N TYR B 173 -32.53 -3.42 7.61
CA TYR B 173 -33.55 -2.80 6.84
C TYR B 173 -33.35 -3.13 5.36
N HIS B 174 -32.15 -2.91 4.86
CA HIS B 174 -31.88 -3.25 3.48
C HIS B 174 -32.13 -4.72 3.19
N ALA B 175 -31.71 -5.61 4.09
CA ALA B 175 -32.01 -7.06 3.95
C ALA B 175 -33.53 -7.31 3.77
N ALA B 176 -34.31 -6.73 4.65
CA ALA B 176 -35.78 -6.81 4.54
C ALA B 176 -36.27 -6.33 3.17
N LYS B 177 -35.75 -5.19 2.75
CA LYS B 177 -36.03 -4.63 1.42
C LYS B 177 -35.72 -5.61 0.31
N GLY B 178 -34.56 -6.25 0.43
CA GLY B 178 -34.13 -7.19 -0.55
C GLY B 178 -35.02 -8.42 -0.56
N LEU B 179 -35.43 -8.88 0.63
CA LEU B 179 -36.43 -9.94 0.69
C LEU B 179 -37.76 -9.55 0.06
N MET B 180 -38.14 -8.26 0.10
CA MET B 180 -39.43 -7.81 -0.54
C MET B 180 -39.32 -7.86 -2.05
N THR B 181 -38.18 -7.42 -2.56
CA THR B 181 -37.88 -7.57 -3.95
C THR B 181 -37.91 -9.04 -4.40
N LEU B 182 -37.31 -9.95 -3.60
CA LEU B 182 -37.33 -11.38 -3.94
C LEU B 182 -38.72 -11.87 -3.99
N GLN B 183 -39.52 -11.47 -3.00
CA GLN B 183 -40.91 -11.93 -2.95
C GLN B 183 -41.72 -11.44 -4.12
N ALA B 184 -41.49 -10.20 -4.55
CA ALA B 184 -42.29 -9.64 -5.64
C ALA B 184 -42.02 -10.37 -6.96
N LEU B 185 -40.79 -10.84 -7.15
CA LEU B 185 -40.41 -11.63 -8.35
C LEU B 185 -40.65 -13.16 -8.24
N TYR B 186 -40.56 -13.75 -7.03
CA TYR B 186 -40.53 -15.22 -6.84
C TYR B 186 -41.61 -15.75 -5.95
N GLY B 187 -42.48 -14.85 -5.51
CA GLY B 187 -43.59 -15.26 -4.70
C GLY B 187 -43.27 -15.03 -3.25
N THR B 188 -44.34 -14.75 -2.51
CA THR B 188 -44.32 -14.64 -1.08
C THR B 188 -43.79 -15.94 -0.46
N ILE B 189 -42.94 -15.82 0.57
CA ILE B 189 -42.43 -16.95 1.31
C ILE B 189 -43.37 -17.29 2.46
N PRO B 190 -44.02 -18.46 2.40
CA PRO B 190 -45.14 -18.78 3.35
C PRO B 190 -44.70 -18.86 4.80
N GLN B 191 -43.51 -19.40 5.02
CA GLN B 191 -43.05 -19.74 6.33
C GLN B 191 -41.72 -19.08 6.57
N ILE B 192 -41.57 -18.46 7.71
CA ILE B 192 -40.33 -17.82 8.11
C ILE B 192 -39.90 -18.41 9.41
N PHE B 193 -38.66 -18.86 9.47
CA PHE B 193 -38.05 -19.29 10.70
C PHE B 193 -36.84 -18.45 10.99
N GLY B 194 -36.55 -18.24 12.27
CA GLY B 194 -35.33 -17.48 12.61
C GLY B 194 -34.74 -17.83 13.94
N LYS B 195 -33.43 -17.57 14.07
CA LYS B 195 -32.72 -17.58 15.34
C LYS B 195 -31.72 -16.46 15.37
N GLY B 196 -31.89 -15.56 16.32
CA GLY B 196 -31.06 -14.37 16.46
C GLY B 196 -31.84 -13.06 16.66
N GLU B 197 -31.19 -12.08 17.24
CA GLU B 197 -31.78 -10.77 17.40
C GLU B 197 -31.97 -10.13 16.04
N CYS B 198 -30.91 -10.11 15.24
CA CYS B 198 -30.97 -9.48 13.96
C CYS B 198 -32.03 -10.17 13.16
N ALA B 199 -32.14 -11.49 13.27
CA ALA B 199 -33.20 -12.24 12.52
C ALA B 199 -34.64 -11.83 12.90
N ARG B 200 -34.89 -11.63 14.18
CA ARG B 200 -36.19 -11.15 14.70
C ARG B 200 -36.53 -9.82 14.05
N GLN B 201 -35.56 -8.91 14.02
CA GLN B 201 -35.75 -7.61 13.42
C GLN B 201 -36.03 -7.70 11.94
N VAL B 202 -35.26 -8.49 11.21
CA VAL B 202 -35.56 -8.62 9.77
C VAL B 202 -36.99 -9.14 9.56
N ALA B 203 -37.34 -10.19 10.31
CA ALA B 203 -38.66 -10.81 10.23
C ALA B 203 -39.75 -9.75 10.50
N ASN B 204 -39.57 -8.97 11.55
CA ASN B 204 -40.53 -7.96 11.87
C ASN B 204 -40.67 -6.98 10.76
N MET B 205 -39.56 -6.61 10.14
CA MET B 205 -39.59 -5.63 9.08
C MET B 205 -40.25 -6.20 7.84
N MET B 206 -39.89 -7.43 7.47
CA MET B 206 -40.56 -8.11 6.34
C MET B 206 -42.06 -8.04 6.51
N ILE B 207 -42.50 -8.40 7.70
CA ILE B 207 -43.91 -8.68 7.88
C ILE B 207 -44.66 -7.36 7.84
N ARG B 208 -44.11 -6.36 8.53
CA ARG B 208 -44.62 -5.01 8.49
C ARG B 208 -44.67 -4.43 7.06
N MET B 209 -43.62 -4.66 6.29
CA MET B 209 -43.51 -4.05 4.96
C MET B 209 -44.59 -4.64 4.09
N LYS B 210 -44.81 -5.93 4.24
CA LYS B 210 -45.82 -6.63 3.42
C LYS B 210 -47.20 -6.24 3.87
N ARG B 211 -47.40 -6.22 5.18
CA ARG B 211 -48.69 -5.90 5.77
C ARG B 211 -49.11 -4.46 5.40
N GLU B 212 -48.14 -3.55 5.25
CA GLU B 212 -48.42 -2.15 4.93
C GLU B 212 -48.47 -1.85 3.44
N PHE B 213 -48.28 -2.87 2.63
CA PHE B 213 -48.41 -2.72 1.20
C PHE B 213 -49.89 -2.52 0.79
N THR B 214 -50.11 -1.64 -0.17
CA THR B 214 -51.45 -1.47 -0.76
C THR B 214 -51.28 -1.63 -2.25
N GLY B 215 -51.86 -2.69 -2.79
CA GLY B 215 -51.70 -2.93 -4.19
C GLY B 215 -52.32 -4.24 -4.58
N SER B 216 -52.21 -4.58 -5.85
CA SER B 216 -52.61 -5.88 -6.35
C SER B 216 -51.96 -6.97 -5.47
N GLN B 217 -52.71 -8.02 -5.12
CA GLN B 217 -52.13 -9.12 -4.34
C GLN B 217 -51.24 -9.99 -5.23
N ASN B 218 -50.14 -10.44 -4.64
CA ASN B 218 -49.12 -11.18 -5.38
C ASN B 218 -49.58 -12.57 -5.82
N SER B 219 -49.72 -12.74 -7.13
CA SER B 219 -50.28 -13.97 -7.71
C SER B 219 -49.25 -15.03 -8.11
N ILE B 220 -48.00 -14.84 -7.72
CA ILE B 220 -46.88 -15.70 -8.19
C ILE B 220 -46.71 -16.89 -7.25
N PHE B 221 -46.65 -18.08 -7.85
CA PHE B 221 -46.55 -19.31 -7.08
C PHE B 221 -45.16 -19.35 -6.45
N PRO B 222 -45.08 -19.53 -5.12
CA PRO B 222 -43.86 -19.46 -4.34
C PRO B 222 -42.76 -20.42 -4.81
N VAL B 223 -41.60 -19.84 -5.11
CA VAL B 223 -40.43 -20.61 -5.42
C VAL B 223 -39.78 -21.13 -4.13
N PHE B 224 -39.69 -20.27 -3.12
CA PHE B 224 -39.14 -20.63 -1.83
C PHE B 224 -40.21 -21.02 -0.86
N ASP B 225 -40.10 -22.21 -0.29
CA ASP B 225 -41.08 -22.70 0.69
C ASP B 225 -40.89 -22.08 2.06
N ASN B 226 -39.62 -21.85 2.41
CA ASN B 226 -39.24 -21.39 3.76
C ASN B 226 -38.16 -20.34 3.69
N LEU B 227 -38.14 -19.46 4.69
CA LEU B 227 -36.97 -18.62 4.93
C LEU B 227 -36.41 -18.99 6.25
N LEU B 228 -35.11 -19.15 6.34
CA LEU B 228 -34.44 -19.28 7.63
C LEU B 228 -33.46 -18.15 7.79
N LEU B 229 -33.69 -17.32 8.81
CA LEU B 229 -32.85 -16.17 9.10
C LEU B 229 -31.96 -16.50 10.27
N LEU B 230 -30.65 -16.34 10.09
CA LEU B 230 -29.67 -16.71 11.10
C LEU B 230 -28.61 -15.63 11.40
N ASP B 231 -28.48 -15.33 12.69
CA ASP B 231 -27.51 -14.33 13.16
C ASP B 231 -26.14 -14.97 13.17
N ARG B 232 -25.18 -14.29 12.59
CA ARG B 232 -23.81 -14.73 12.60
C ARG B 232 -23.39 -14.99 14.02
N ASN B 233 -23.89 -14.18 14.96
CA ASN B 233 -23.38 -14.31 16.32
C ASN B 233 -23.96 -15.49 17.11
N VAL B 234 -24.84 -16.23 16.50
CA VAL B 234 -25.23 -17.53 17.03
C VAL B 234 -24.17 -18.60 16.80
N ASP B 235 -23.35 -18.47 15.76
CA ASP B 235 -22.22 -19.32 15.54
C ASP B 235 -20.97 -18.47 15.20
N LEU B 236 -20.29 -17.98 16.24
CA LEU B 236 -19.02 -17.21 16.08
C LEU B 236 -17.81 -18.07 15.83
N LEU B 237 -17.91 -19.35 16.05
CA LEU B 237 -16.72 -20.23 15.88
C LEU B 237 -16.38 -20.43 14.41
N THR B 238 -17.36 -20.88 13.63
CA THR B 238 -17.10 -21.35 12.29
C THR B 238 -16.18 -20.49 11.43
N PRO B 239 -16.38 -19.17 11.40
CA PRO B 239 -15.51 -18.33 10.53
C PRO B 239 -14.04 -18.27 11.02
N LEU B 240 -13.83 -18.56 12.27
CA LEU B 240 -12.48 -18.54 12.79
C LEU B 240 -11.62 -19.67 12.28
N ALA B 241 -12.23 -20.84 12.08
CA ALA B 241 -11.45 -22.03 11.70
C ALA B 241 -10.91 -21.96 10.26
N THR B 242 -9.77 -22.62 10.04
CA THR B 242 -9.25 -22.74 8.69
C THR B 242 -10.17 -23.66 7.87
N GLN B 243 -10.80 -23.08 6.85
CA GLN B 243 -11.60 -23.81 5.87
C GLN B 243 -10.72 -24.79 5.10
N LEU B 244 -11.25 -26.00 4.80
CA LEU B 244 -10.44 -27.07 4.23
C LEU B 244 -11.03 -27.60 2.93
N THR B 245 -12.06 -26.94 2.38
CA THR B 245 -12.54 -27.28 1.07
C THR B 245 -11.71 -26.57 0.05
N TYR B 246 -11.92 -26.91 -1.22
CA TYR B 246 -11.06 -26.36 -2.30
C TYR B 246 -11.29 -24.87 -2.37
N GLU B 247 -12.53 -24.46 -2.57
CA GLU B 247 -12.90 -23.08 -2.66
C GLU B 247 -12.51 -22.36 -1.36
N GLY B 248 -12.74 -22.96 -0.20
CA GLY B 248 -12.38 -22.34 1.04
C GLY B 248 -10.90 -22.04 1.11
N LEU B 249 -10.06 -22.99 0.76
CA LEU B 249 -8.61 -22.75 0.80
C LEU B 249 -8.18 -21.67 -0.17
N ILE B 250 -8.80 -21.64 -1.33
CA ILE B 250 -8.52 -20.59 -2.28
C ILE B 250 -8.82 -19.22 -1.64
N ASP B 251 -9.95 -19.17 -0.95
CA ASP B 251 -10.37 -17.95 -0.32
C ASP B 251 -9.44 -17.61 0.84
N GLU B 252 -9.03 -18.60 1.63
CA GLU B 252 -8.16 -18.34 2.77
C GLU B 252 -6.84 -17.85 2.37
N ILE B 253 -6.27 -18.38 1.30
CA ILE B 253 -4.89 -18.12 0.94
C ILE B 253 -4.78 -16.96 -0.02
N TYR B 254 -5.63 -16.94 -1.03
CA TYR B 254 -5.62 -15.88 -2.02
C TYR B 254 -6.77 -14.88 -1.92
N GLY B 255 -7.92 -15.29 -1.40
CA GLY B 255 -9.08 -14.39 -1.34
C GLY B 255 -9.84 -14.44 -2.67
N ILE B 256 -11.17 -14.64 -2.60
CA ILE B 256 -12.04 -14.55 -3.76
C ILE B 256 -12.90 -13.34 -3.61
N GLN B 257 -12.88 -12.45 -4.60
CA GLN B 257 -13.60 -11.17 -4.54
C GLN B 257 -14.61 -11.07 -5.69
N ASN B 258 -15.90 -10.96 -5.38
CA ASN B 258 -16.89 -10.87 -6.46
C ASN B 258 -16.67 -11.95 -7.52
N SER B 259 -16.34 -13.14 -7.00
CA SER B 259 -16.25 -14.40 -7.74
C SER B 259 -14.98 -14.53 -8.59
N TYR B 260 -14.05 -13.60 -8.44
CA TYR B 260 -12.75 -13.67 -9.08
C TYR B 260 -11.65 -13.88 -8.05
N VAL B 261 -10.58 -14.55 -8.46
CA VAL B 261 -9.39 -14.69 -7.65
C VAL B 261 -8.18 -14.21 -8.46
N LYS B 262 -7.16 -13.70 -7.78
CA LYS B 262 -5.91 -13.33 -8.47
C LYS B 262 -4.77 -14.16 -7.92
N LEU B 263 -4.08 -14.83 -8.82
CA LEU B 263 -3.12 -15.84 -8.44
C LEU B 263 -1.71 -15.51 -8.93
N PRO B 264 -0.69 -16.10 -8.29
CA PRO B 264 0.69 -15.93 -8.82
C PRO B 264 0.68 -16.47 -10.26
N PRO B 265 1.33 -15.75 -11.19
CA PRO B 265 1.07 -16.06 -12.59
C PRO B 265 2.01 -17.08 -13.23
N GLU B 266 3.02 -17.53 -12.49
CA GLU B 266 4.11 -18.35 -13.05
C GLU B 266 3.62 -19.64 -13.65
N LYS B 267 2.73 -20.34 -12.95
CA LYS B 267 2.34 -21.67 -13.44
C LYS B 267 1.39 -21.60 -14.61
N PHE B 268 0.73 -20.45 -14.82
CA PHE B 268 -0.34 -20.35 -15.81
C PHE B 268 0.07 -19.78 -17.13
N ALA B 269 -0.63 -20.17 -18.20
CA ALA B 269 -0.35 -19.57 -19.53
C ALA B 269 -0.30 -18.00 -19.48
N PRO B 270 0.70 -17.40 -20.15
CA PRO B 270 0.79 -15.92 -20.22
C PRO B 270 -0.24 -15.26 -21.19
N LYS B 271 -0.62 -14.00 -20.92
CA LYS B 271 -1.62 -13.26 -21.73
C LYS B 271 -1.11 -12.89 -23.13
N LYS B 272 -1.95 -13.03 -24.16
CA LYS B 272 -1.62 -12.55 -25.52
C LYS B 272 -1.96 -11.06 -25.60
N GLN B 273 -1.05 -10.29 -26.21
CA GLN B 273 -1.13 -8.82 -26.20
C GLN B 273 -1.47 -8.22 -27.59
N GLY B 274 -0.69 -8.56 -28.60
CA GLY B 274 -0.88 -7.99 -29.94
C GLY B 274 0.46 -7.67 -30.55
N ASP B 275 1.28 -6.93 -29.79
CA ASP B 275 2.68 -6.71 -30.14
C ASP B 275 3.54 -7.95 -29.90
N GLY B 276 2.95 -9.02 -29.36
CA GLY B 276 3.66 -10.29 -29.16
C GLY B 276 4.40 -10.43 -27.83
N GLY B 277 5.03 -9.34 -27.38
CA GLY B 277 5.78 -9.35 -26.12
C GLY B 277 4.93 -9.58 -24.88
N LYS B 278 5.61 -9.89 -23.77
CA LYS B 278 5.00 -9.94 -22.45
C LYS B 278 5.55 -8.74 -21.70
N ASP B 279 4.66 -8.00 -21.03
CA ASP B 279 5.02 -6.81 -20.29
C ASP B 279 5.26 -7.19 -18.84
N LEU B 280 6.15 -6.43 -18.19
CA LEU B 280 6.56 -6.70 -16.80
C LEU B 280 6.36 -5.52 -15.83
N PRO B 281 6.11 -5.80 -14.52
CA PRO B 281 5.98 -7.14 -13.94
C PRO B 281 4.76 -7.87 -14.50
N THR B 282 4.82 -9.19 -14.51
CA THR B 282 3.70 -10.00 -14.95
C THR B 282 2.52 -9.74 -13.99
N GLU B 283 1.37 -9.34 -14.53
CA GLU B 283 0.19 -9.19 -13.69
C GLU B 283 -0.33 -10.54 -13.20
N ALA B 284 -0.94 -10.53 -12.02
CA ALA B 284 -1.63 -11.69 -11.50
C ALA B 284 -2.55 -12.34 -12.53
N LYS B 285 -2.56 -13.66 -12.52
CA LYS B 285 -3.54 -14.47 -13.25
C LYS B 285 -4.90 -14.30 -12.59
N LYS B 286 -5.80 -13.65 -13.30
CA LYS B 286 -7.14 -13.39 -12.79
C LYS B 286 -8.09 -14.44 -13.31
N LEU B 287 -8.77 -15.16 -12.42
CA LEU B 287 -9.73 -16.19 -12.83
C LEU B 287 -11.11 -16.00 -12.19
N GLN B 288 -12.15 -16.31 -12.95
CA GLN B 288 -13.50 -16.33 -12.40
C GLN B 288 -13.77 -17.73 -11.88
N LEU B 289 -14.46 -17.82 -10.76
CA LEU B 289 -14.72 -19.04 -10.06
C LEU B 289 -16.18 -19.06 -9.69
N ASN B 290 -16.98 -19.79 -10.48
CA ASN B 290 -18.37 -20.09 -10.21
C ASN B 290 -18.78 -21.35 -10.97
N SER B 291 -20.07 -21.69 -10.91
CA SER B 291 -20.52 -23.01 -11.41
C SER B 291 -20.63 -23.11 -12.91
N ALA B 292 -20.35 -22.04 -13.63
CA ALA B 292 -20.38 -22.12 -15.10
C ALA B 292 -19.28 -22.99 -15.63
N GLU B 293 -18.21 -23.15 -14.85
CA GLU B 293 -17.07 -23.97 -15.22
C GLU B 293 -17.34 -25.33 -14.62
N GLU B 294 -17.58 -26.29 -15.48
CA GLU B 294 -18.04 -27.61 -15.03
C GLU B 294 -17.02 -28.30 -14.07
N LEU B 295 -15.74 -28.24 -14.37
CA LEU B 295 -14.76 -28.86 -13.50
C LEU B 295 -14.77 -28.22 -12.12
N TYR B 296 -14.96 -26.90 -12.07
CA TYR B 296 -14.96 -26.21 -10.80
C TYR B 296 -16.18 -26.50 -9.95
N ALA B 297 -17.33 -26.59 -10.59
CA ALA B 297 -18.53 -27.10 -9.94
C ALA B 297 -18.29 -28.44 -9.29
N GLU B 298 -17.51 -29.32 -9.92
CA GLU B 298 -17.31 -30.66 -9.34
C GLU B 298 -16.33 -30.64 -8.16
N ILE B 299 -15.36 -29.71 -8.14
CA ILE B 299 -14.37 -29.70 -7.03
C ILE B 299 -14.55 -28.61 -5.93
N ARG B 300 -15.22 -27.49 -6.22
CA ARG B 300 -15.24 -26.39 -5.27
C ARG B 300 -15.65 -26.75 -3.88
N ASP B 301 -16.68 -27.56 -3.76
CA ASP B 301 -17.18 -28.06 -2.48
C ASP B 301 -16.46 -29.25 -1.84
N LYS B 302 -15.48 -29.85 -2.51
CA LYS B 302 -14.84 -31.01 -1.94
C LYS B 302 -13.84 -30.61 -0.90
N ASN B 303 -13.64 -31.47 0.10
CA ASN B 303 -12.46 -31.36 0.96
C ASN B 303 -11.26 -31.33 0.03
N PHE B 304 -10.26 -30.52 0.36
CA PHE B 304 -9.16 -30.38 -0.52
C PHE B 304 -8.48 -31.68 -0.79
N ASN B 305 -8.36 -32.54 0.22
CA ASN B 305 -7.72 -33.86 0.03
C ASN B 305 -8.45 -34.78 -0.95
N ALA B 306 -9.59 -34.36 -1.46
CA ALA B 306 -10.30 -35.20 -2.45
C ALA B 306 -10.05 -34.71 -3.88
N VAL B 307 -9.48 -33.53 -4.02
CA VAL B 307 -9.43 -32.89 -5.32
C VAL B 307 -8.51 -33.58 -6.31
N GLY B 308 -7.31 -33.95 -5.85
CA GLY B 308 -6.37 -34.75 -6.64
C GLY B 308 -7.08 -35.77 -7.48
N SER B 309 -7.94 -36.58 -6.87
CA SER B 309 -8.58 -37.71 -7.57
C SER B 309 -9.51 -37.26 -8.67
N VAL B 310 -10.22 -36.17 -8.45
CA VAL B 310 -11.06 -35.68 -9.52
C VAL B 310 -10.18 -35.27 -10.71
N LEU B 311 -9.03 -34.62 -10.43
CA LEU B 311 -8.11 -34.14 -11.49
C LEU B 311 -7.52 -35.26 -12.33
N SER B 312 -7.05 -36.32 -11.68
CA SER B 312 -6.60 -37.51 -12.38
C SER B 312 -7.69 -38.06 -13.23
N LYS B 313 -8.93 -38.06 -12.73
CA LYS B 313 -10.01 -38.64 -13.47
C LYS B 313 -10.26 -37.78 -14.71
N LYS B 314 -10.20 -36.45 -14.59
CA LYS B 314 -10.47 -35.63 -15.78
C LYS B 314 -9.42 -35.88 -16.88
N ALA B 315 -8.16 -36.02 -16.49
CA ALA B 315 -7.12 -36.36 -17.45
C ALA B 315 -7.45 -37.69 -18.17
N LYS B 316 -7.91 -38.70 -17.45
CA LYS B 316 -8.26 -39.95 -18.17
C LYS B 316 -9.43 -39.74 -19.11
N ILE B 317 -10.45 -38.99 -18.69
CA ILE B 317 -11.61 -38.78 -19.54
C ILE B 317 -11.16 -38.13 -20.81
N ILE B 318 -10.24 -37.18 -20.72
CA ILE B 318 -9.68 -36.52 -21.89
C ILE B 318 -8.90 -37.46 -22.78
N SER B 319 -8.01 -38.30 -22.24
CA SER B 319 -7.21 -39.26 -23.09
C SER B 319 -8.08 -40.27 -23.85
N ALA B 320 -9.03 -40.85 -23.16
CA ALA B 320 -10.07 -41.65 -23.76
C ALA B 320 -10.86 -40.90 -24.85
N ALA B 321 -11.23 -39.64 -24.63
CA ALA B 321 -11.92 -38.88 -25.69
C ALA B 321 -11.05 -38.80 -26.96
N PHE B 322 -9.73 -38.65 -26.78
CA PHE B 322 -8.80 -38.63 -27.92
C PHE B 322 -8.65 -40.02 -28.51
N GLU B 323 -8.63 -41.06 -27.67
CA GLU B 323 -8.62 -42.47 -28.14
C GLU B 323 -9.82 -42.83 -29.01
N GLU B 324 -11.00 -42.41 -28.59
CA GLU B 324 -12.21 -42.60 -29.37
C GLU B 324 -12.12 -41.89 -30.70
N ARG B 325 -11.66 -40.63 -30.67
CA ARG B 325 -11.67 -39.78 -31.87
C ARG B 325 -10.96 -40.44 -33.06
N HIS B 326 -10.13 -41.44 -32.78
CA HIS B 326 -9.65 -42.36 -33.82
C HIS B 326 -10.69 -43.44 -34.16
N ASN B 327 -11.05 -44.24 -33.17
CA ASN B 327 -11.90 -45.41 -33.40
C ASN B 327 -13.36 -45.13 -33.08
N PRO B 342 -14.89 -29.92 -29.20
CA PRO B 342 -15.65 -28.66 -29.10
C PRO B 342 -15.75 -28.10 -27.67
N HIS B 343 -16.16 -28.95 -26.73
CA HIS B 343 -15.95 -28.73 -25.28
C HIS B 343 -14.52 -29.06 -24.91
N MET B 344 -13.77 -29.64 -25.86
CA MET B 344 -12.46 -30.19 -25.59
C MET B 344 -11.49 -29.14 -25.08
N GLN B 345 -11.37 -28.03 -25.81
CA GLN B 345 -10.43 -26.95 -25.39
C GLN B 345 -10.77 -26.47 -24.03
N ALA B 346 -12.05 -26.23 -23.80
CA ALA B 346 -12.52 -25.78 -22.49
C ALA B 346 -12.20 -26.79 -21.39
N ALA B 347 -12.35 -28.08 -21.68
CA ALA B 347 -12.02 -29.12 -20.69
C ALA B 347 -10.52 -29.20 -20.36
N ARG B 348 -9.66 -28.93 -21.31
CA ARG B 348 -8.22 -29.10 -21.02
C ARG B 348 -7.64 -27.89 -20.29
N GLY B 349 -8.17 -26.70 -20.61
CA GLY B 349 -7.67 -25.42 -20.10
C GLY B 349 -8.08 -25.25 -18.66
N SER B 350 -9.32 -25.53 -18.44
CA SER B 350 -9.85 -25.74 -17.13
C SER B 350 -9.09 -26.79 -16.30
N LEU B 351 -8.84 -27.98 -16.82
CA LEU B 351 -8.03 -28.94 -16.05
C LEU B 351 -6.64 -28.39 -15.73
N ALA B 352 -6.02 -27.72 -16.70
CA ALA B 352 -4.65 -27.13 -16.49
C ALA B 352 -4.67 -26.02 -15.43
N ASN B 353 -5.72 -25.20 -15.47
CA ASN B 353 -5.83 -24.12 -14.49
C ASN B 353 -5.96 -24.65 -13.10
N HIS B 354 -6.81 -25.65 -12.91
CA HIS B 354 -7.09 -26.18 -11.56
C HIS B 354 -5.99 -27.10 -11.09
N THR B 355 -5.29 -27.72 -12.00
CA THR B 355 -4.10 -28.49 -11.60
C THR B 355 -3.04 -27.56 -11.01
N SER B 356 -2.91 -26.38 -11.59
CA SER B 356 -1.95 -25.40 -11.07
C SER B 356 -2.42 -24.86 -9.73
N ILE B 357 -3.72 -24.54 -9.61
CA ILE B 357 -4.20 -24.02 -8.34
C ILE B 357 -4.02 -25.03 -7.23
N ALA B 358 -4.41 -26.27 -7.47
CA ALA B 358 -4.22 -27.35 -6.50
C ALA B 358 -2.77 -27.43 -6.07
N GLU B 359 -1.83 -27.25 -7.00
CA GLU B 359 -0.38 -27.26 -6.63
C GLU B 359 -0.08 -26.08 -5.77
N LEU B 360 -0.59 -24.91 -6.10
CA LEU B 360 -0.34 -23.76 -5.23
C LEU B 360 -0.84 -24.00 -3.83
N ILE B 361 -1.99 -24.62 -3.71
CA ILE B 361 -2.61 -24.84 -2.41
C ILE B 361 -1.89 -25.92 -1.61
N LYS B 362 -1.50 -26.99 -2.28
CA LYS B 362 -0.78 -28.11 -1.66
C LYS B 362 0.54 -27.61 -1.03
N ASP B 363 1.19 -26.67 -1.69
CA ASP B 363 2.38 -26.02 -1.15
C ASP B 363 2.09 -25.37 0.18
N VAL B 364 0.98 -24.65 0.30
CA VAL B 364 0.63 -24.10 1.59
C VAL B 364 0.24 -25.20 2.58
N THR B 365 -0.65 -26.10 2.21
CA THR B 365 -1.15 -27.07 3.16
C THR B 365 -0.22 -28.23 3.58
N THR B 366 1.00 -28.32 3.03
CA THR B 366 1.97 -29.31 3.46
C THR B 366 3.10 -28.73 4.25
N SER B 367 3.04 -27.44 4.52
CA SER B 367 4.08 -26.82 5.31
C SER B 367 3.90 -27.25 6.77
N GLU B 368 4.97 -27.18 7.53
CA GLU B 368 4.94 -27.51 8.92
C GLU B 368 4.07 -26.52 9.69
N ASP B 369 4.14 -25.25 9.33
CA ASP B 369 3.34 -24.27 10.07
C ASP B 369 1.85 -24.58 9.93
N PHE B 370 1.43 -24.99 8.75
CA PHE B 370 0.04 -25.35 8.54
C PHE B 370 -0.39 -26.53 9.41
N PHE B 371 0.41 -27.57 9.45
CA PHE B 371 0.11 -28.73 10.29
C PHE B 371 -0.05 -28.29 11.74
N ASP B 372 0.87 -27.48 12.25
CA ASP B 372 0.81 -27.08 13.66
C ASP B 372 -0.42 -26.22 13.97
N LYS B 373 -0.69 -25.24 13.13
CA LYS B 373 -1.88 -24.45 13.25
C LYS B 373 -3.17 -25.31 13.29
N LEU B 374 -3.29 -26.19 12.36
CA LEU B 374 -4.43 -27.10 12.29
C LEU B 374 -4.56 -28.04 13.50
N THR B 375 -3.43 -28.50 14.04
CA THR B 375 -3.45 -29.32 15.26
C THR B 375 -4.07 -28.51 16.38
N VAL B 376 -3.63 -27.27 16.53
CA VAL B 376 -4.16 -26.43 17.58
C VAL B 376 -5.65 -26.14 17.34
N GLU B 377 -6.00 -25.80 16.13
CA GLU B 377 -7.40 -25.51 15.84
C GLU B 377 -8.31 -26.68 16.23
N GLN B 378 -7.90 -27.89 15.88
CA GLN B 378 -8.65 -29.09 16.20
C GLN B 378 -8.62 -29.40 17.67
N GLU B 379 -7.53 -29.11 18.36
CA GLU B 379 -7.52 -29.27 19.81
C GLU B 379 -8.67 -28.42 20.37
N PHE B 380 -8.69 -27.13 20.02
CA PHE B 380 -9.75 -26.28 20.55
C PHE B 380 -11.17 -26.72 20.16
N MET B 381 -11.35 -27.15 18.93
CA MET B 381 -12.70 -27.49 18.46
C MET B 381 -13.24 -28.80 19.08
N SER B 382 -12.34 -29.64 19.53
CA SER B 382 -12.72 -30.89 20.18
C SER B 382 -12.52 -30.89 21.72
N GLY B 383 -12.26 -29.73 22.32
CA GLY B 383 -12.33 -29.58 23.79
C GLY B 383 -11.03 -29.63 24.57
N ILE B 384 -9.89 -29.68 23.90
CA ILE B 384 -8.58 -29.82 24.58
C ILE B 384 -7.87 -28.48 24.92
N ASP B 385 -7.61 -28.27 26.22
CA ASP B 385 -6.77 -27.18 26.75
C ASP B 385 -7.20 -25.82 26.26
N THR B 386 -8.49 -25.61 26.22
CA THR B 386 -9.00 -24.37 25.70
C THR B 386 -8.83 -23.24 26.74
N ASP B 387 -8.30 -23.55 27.92
CA ASP B 387 -8.30 -22.60 29.01
C ASP B 387 -6.90 -22.14 29.44
N LYS B 388 -5.86 -22.69 28.84
CA LYS B 388 -4.48 -22.36 29.21
C LYS B 388 -3.85 -21.60 28.07
N VAL B 389 -2.85 -20.80 28.37
CA VAL B 389 -2.10 -20.18 27.30
C VAL B 389 -1.50 -21.24 26.37
N ASN B 390 -1.65 -21.08 25.07
CA ASN B 390 -1.15 -22.07 24.14
C ASN B 390 0.27 -21.75 23.62
N ASN B 391 1.16 -22.74 23.71
CA ASN B 391 2.53 -22.55 23.34
C ASN B 391 2.72 -22.17 21.88
N TYR B 392 1.95 -22.78 20.97
CA TYR B 392 2.09 -22.51 19.54
C TYR B 392 1.70 -21.07 19.34
N ILE B 393 0.59 -20.64 19.93
CA ILE B 393 0.25 -19.25 19.77
C ILE B 393 1.34 -18.33 20.30
N GLU B 394 1.95 -18.65 21.43
CA GLU B 394 3.01 -17.81 21.98
C GLU B 394 4.20 -17.76 21.03
N ASP B 395 4.58 -18.92 20.46
CA ASP B 395 5.60 -19.00 19.45
C ASP B 395 5.29 -18.14 18.25
N CYS B 396 4.04 -18.12 17.81
CA CYS B 396 3.72 -17.34 16.64
C CYS B 396 3.90 -15.86 16.97
N ILE B 397 3.53 -15.47 18.17
CA ILE B 397 3.66 -14.09 18.53
C ILE B 397 5.15 -13.69 18.62
N ALA B 398 5.95 -14.57 19.18
CA ALA B 398 7.34 -14.27 19.37
C ALA B 398 8.04 -14.20 18.03
N GLN B 399 7.66 -15.04 17.07
CA GLN B 399 8.22 -14.98 15.71
C GLN B 399 7.50 -13.91 14.87
N LYS B 400 6.53 -13.18 15.41
CA LYS B 400 5.87 -12.07 14.68
C LYS B 400 5.16 -12.51 13.40
N HIS B 401 4.53 -13.68 13.49
CA HIS B 401 3.62 -14.13 12.47
C HIS B 401 2.48 -13.13 12.30
N SER B 402 1.77 -13.25 11.20
CA SER B 402 0.65 -12.39 10.86
C SER B 402 -0.30 -12.15 12.07
N LEU B 403 -0.53 -10.90 12.38
CA LEU B 403 -1.42 -10.57 13.48
C LEU B 403 -2.77 -11.28 13.35
N ILE B 404 -3.30 -11.31 12.14
CA ILE B 404 -4.62 -11.91 11.89
C ILE B 404 -4.68 -13.39 12.23
N LYS B 405 -3.59 -14.09 11.97
CA LYS B 405 -3.60 -15.51 12.23
C LYS B 405 -3.59 -15.74 13.74
N VAL B 406 -2.85 -14.90 14.45
CA VAL B 406 -2.80 -14.97 15.89
C VAL B 406 -4.17 -14.64 16.47
N LEU B 407 -4.80 -13.61 15.96
CA LEU B 407 -6.11 -13.20 16.48
C LEU B 407 -7.18 -14.27 16.23
N ARG B 408 -7.11 -14.91 15.05
CA ARG B 408 -8.08 -15.98 14.73
C ARG B 408 -7.99 -17.08 15.76
N LEU B 409 -6.78 -17.43 16.11
CA LEU B 409 -6.56 -18.52 17.04
C LEU B 409 -6.91 -18.14 18.47
N VAL B 410 -6.53 -16.96 18.91
CA VAL B 410 -6.92 -16.61 20.27
C VAL B 410 -8.44 -16.49 20.40
N CYS B 411 -9.10 -15.96 19.38
CA CYS B 411 -10.55 -15.90 19.35
C CYS B 411 -11.19 -17.29 19.27
N LEU B 412 -10.55 -18.20 18.55
CA LEU B 412 -11.08 -19.54 18.44
C LEU B 412 -11.03 -20.14 19.82
N GLN B 413 -9.88 -19.97 20.50
CA GLN B 413 -9.74 -20.45 21.89
C GLN B 413 -10.83 -19.89 22.80
N SER B 414 -11.03 -18.59 22.69
CA SER B 414 -12.00 -17.92 23.55
C SER B 414 -13.42 -18.43 23.29
N VAL B 415 -13.79 -18.58 22.04
CA VAL B 415 -15.16 -19.05 21.77
C VAL B 415 -15.33 -20.50 22.19
N CYS B 416 -14.31 -21.35 22.01
CA CYS B 416 -14.43 -22.73 22.45
C CYS B 416 -14.46 -22.88 23.95
N ASN B 417 -14.01 -21.86 24.65
CA ASN B 417 -13.97 -21.88 26.10
C ASN B 417 -15.01 -20.98 26.79
N SER B 418 -15.80 -20.23 26.00
CA SER B 418 -16.70 -19.18 26.49
C SER B 418 -15.95 -18.07 27.18
N GLY B 419 -14.92 -17.57 26.52
CA GLY B 419 -14.05 -16.59 27.10
C GLY B 419 -12.93 -17.27 27.84
N LEU B 420 -11.95 -16.48 28.23
CA LEU B 420 -10.77 -16.96 28.91
C LEU B 420 -10.73 -16.39 30.31
N LYS B 421 -9.97 -16.99 31.20
CA LYS B 421 -9.74 -16.41 32.52
C LYS B 421 -9.05 -15.10 32.28
N GLN B 422 -9.21 -14.13 33.18
CA GLN B 422 -8.60 -12.83 33.04
C GLN B 422 -7.10 -12.95 32.80
N LYS B 423 -6.45 -13.83 33.54
CA LYS B 423 -5.00 -13.90 33.51
C LYS B 423 -4.52 -14.30 32.13
N VAL B 424 -5.24 -15.25 31.51
CA VAL B 424 -4.91 -15.76 30.20
C VAL B 424 -5.27 -14.70 29.19
N LEU B 425 -6.44 -14.10 29.32
CA LEU B 425 -6.78 -13.01 28.43
C LEU B 425 -5.80 -11.85 28.50
N ASP B 426 -5.46 -11.41 29.71
CA ASP B 426 -4.57 -10.29 29.91
C ASP B 426 -3.15 -10.60 29.44
N TYR B 427 -2.75 -11.86 29.56
CA TYR B 427 -1.45 -12.27 29.04
C TYR B 427 -1.44 -12.10 27.53
N TYR B 428 -2.50 -12.55 26.85
CA TYR B 428 -2.47 -12.53 25.38
C TYR B 428 -2.52 -11.09 24.87
N LYS B 429 -3.29 -10.26 25.55
CA LYS B 429 -3.38 -8.84 25.18
C LYS B 429 -2.01 -8.16 25.36
N ARG B 430 -1.35 -8.39 26.48
CA ARG B 430 -0.11 -7.71 26.70
C ARG B 430 0.93 -8.07 25.61
N GLU B 431 1.01 -9.35 25.25
CA GLU B 431 1.98 -9.79 24.24
C GLU B 431 1.66 -9.29 22.83
N ILE B 432 0.37 -9.26 22.50
CA ILE B 432 -0.08 -8.78 21.22
C ILE B 432 0.27 -7.28 21.12
N LEU B 433 -0.17 -6.50 22.09
CA LEU B 433 0.14 -5.05 22.14
C LEU B 433 1.63 -4.77 22.06
N GLN B 434 2.40 -5.48 22.88
CA GLN B 434 3.85 -5.31 22.89
C GLN B 434 4.54 -5.69 21.61
N THR B 435 4.05 -6.70 20.93
CA THR B 435 4.67 -7.15 19.65
C THR B 435 4.16 -6.41 18.39
N TYR B 436 2.88 -6.09 18.34
CA TYR B 436 2.30 -5.55 17.11
C TYR B 436 1.93 -4.08 17.25
N GLY B 437 1.96 -3.55 18.48
CA GLY B 437 1.84 -2.12 18.71
C GLY B 437 0.54 -1.79 19.43
N TYR B 438 0.54 -0.66 20.16
CA TYR B 438 -0.59 -0.25 20.98
C TYR B 438 -1.79 0.23 20.19
N GLU B 439 -1.63 0.48 18.90
CA GLU B 439 -2.77 0.84 18.06
C GLU B 439 -3.84 -0.26 18.15
N HIS B 440 -3.39 -1.48 18.41
CA HIS B 440 -4.28 -2.62 18.44
C HIS B 440 -5.13 -2.76 19.66
N ILE B 441 -5.04 -1.81 20.54
CA ILE B 441 -6.03 -1.69 21.57
C ILE B 441 -7.43 -1.39 21.04
N LEU B 442 -7.56 -0.72 19.90
CA LEU B 442 -8.91 -0.60 19.25
C LEU B 442 -9.32 -2.01 18.82
N THR B 443 -8.42 -2.70 18.12
CA THR B 443 -8.65 -4.06 17.67
C THR B 443 -9.18 -4.95 18.82
N LEU B 444 -8.51 -4.97 19.97
CA LEU B 444 -8.97 -5.86 21.05
C LEU B 444 -10.31 -5.46 21.67
N HIS B 445 -10.51 -4.16 21.81
CA HIS B 445 -11.78 -3.72 22.30
C HIS B 445 -12.88 -4.26 21.40
N ASN B 446 -12.70 -4.14 20.09
CA ASN B 446 -13.75 -4.54 19.15
C ASN B 446 -14.01 -6.02 19.21
N LEU B 447 -12.97 -6.82 19.39
CA LEU B 447 -13.11 -8.28 19.44
C LEU B 447 -13.78 -8.71 20.74
N GLU B 448 -13.61 -7.93 21.80
CA GLU B 448 -14.36 -8.20 23.01
C GLU B 448 -15.84 -7.80 22.84
N LYS B 449 -16.11 -6.62 22.30
CA LYS B 449 -17.52 -6.20 22.11
C LYS B 449 -18.27 -7.15 21.16
N ALA B 450 -17.56 -7.72 20.21
CA ALA B 450 -18.15 -8.65 19.29
C ALA B 450 -18.34 -10.08 19.83
N GLY B 451 -17.85 -10.41 21.01
CA GLY B 451 -17.96 -11.77 21.57
C GLY B 451 -16.80 -12.71 21.21
N LEU B 452 -15.78 -12.19 20.56
CA LEU B 452 -14.78 -13.03 19.97
C LEU B 452 -13.60 -13.30 20.89
N LEU B 453 -13.29 -12.38 21.78
CA LEU B 453 -12.10 -12.52 22.63
C LEU B 453 -12.47 -11.78 23.85
N LYS B 454 -12.95 -12.50 24.85
CA LYS B 454 -13.56 -11.87 25.99
C LYS B 454 -13.15 -12.61 27.26
N PRO B 455 -13.32 -11.97 28.44
CA PRO B 455 -13.16 -12.73 29.66
C PRO B 455 -14.33 -13.64 29.86
N GLN B 456 -14.12 -14.82 30.41
CA GLN B 456 -15.24 -15.67 30.80
C GLN B 456 -16.11 -15.05 31.90
N THR B 457 -17.33 -15.57 32.02
CA THR B 457 -18.40 -14.89 32.72
C THR B 457 -18.67 -15.44 34.13
N GLY B 458 -17.96 -16.50 34.51
CA GLY B 458 -18.28 -17.23 35.75
C GLY B 458 -19.41 -18.23 35.54
N GLY B 459 -20.14 -18.10 34.43
CA GLY B 459 -21.13 -19.10 34.03
C GLY B 459 -20.51 -20.44 33.59
N ARG B 460 -21.38 -21.39 33.27
CA ARG B 460 -20.96 -22.69 32.77
C ARG B 460 -20.37 -22.44 31.37
N ASN B 461 -19.24 -23.07 31.05
CA ASN B 461 -18.85 -23.16 29.65
C ASN B 461 -19.78 -24.12 28.89
N ASN B 462 -20.69 -23.54 28.13
CA ASN B 462 -21.67 -24.30 27.39
C ASN B 462 -21.20 -24.93 26.09
N TYR B 463 -20.04 -24.55 25.55
CA TYR B 463 -19.62 -25.14 24.25
C TYR B 463 -19.60 -26.68 24.24
N PRO B 464 -19.05 -27.30 25.29
CA PRO B 464 -19.02 -28.77 25.29
C PRO B 464 -20.41 -29.43 25.23
N THR B 465 -21.40 -28.86 25.92
CA THR B 465 -22.75 -29.40 25.86
C THR B 465 -23.33 -29.29 24.46
N ILE B 466 -23.08 -28.16 23.82
CA ILE B 466 -23.61 -27.94 22.50
C ILE B 466 -22.91 -28.87 21.51
N ARG B 467 -21.60 -28.96 21.65
CA ARG B 467 -20.78 -29.71 20.74
C ARG B 467 -21.18 -31.17 20.75
N LYS B 468 -21.38 -31.72 21.94
CA LYS B 468 -21.76 -33.09 22.09
C LYS B 468 -23.14 -33.36 21.50
N THR B 469 -24.11 -32.59 21.97
CA THR B 469 -25.51 -32.71 21.62
C THR B 469 -25.82 -32.52 20.16
N LEU B 470 -25.10 -31.63 19.52
CA LEU B 470 -25.25 -31.49 18.07
C LEU B 470 -24.10 -32.14 17.27
N ARG B 471 -23.25 -32.94 17.95
CA ARG B 471 -22.21 -33.68 17.25
C ARG B 471 -21.33 -32.77 16.32
N LEU B 472 -20.73 -31.74 16.89
CA LEU B 472 -20.00 -30.73 16.13
C LEU B 472 -18.57 -31.11 15.87
N TRP B 473 -18.05 -32.03 16.67
CA TRP B 473 -16.74 -32.58 16.46
C TRP B 473 -16.84 -34.08 16.35
N MET B 474 -16.30 -34.64 15.25
CA MET B 474 -16.14 -36.08 15.09
C MET B 474 -14.73 -36.40 14.62
N ASP B 475 -14.16 -37.48 15.17
CA ASP B 475 -12.86 -37.99 14.77
C ASP B 475 -12.95 -38.83 13.50
N ASP B 476 -11.84 -38.88 12.78
CA ASP B 476 -11.70 -39.73 11.61
C ASP B 476 -12.88 -39.67 10.67
N VAL B 477 -13.13 -38.47 10.17
CA VAL B 477 -14.25 -38.21 9.28
C VAL B 477 -13.86 -38.59 7.87
N ASN B 478 -14.81 -39.02 7.08
CA ASN B 478 -14.45 -39.37 5.72
C ASN B 478 -14.42 -38.11 4.88
N GLU B 479 -13.28 -37.85 4.25
CA GLU B 479 -13.11 -36.66 3.42
C GLU B 479 -13.32 -36.94 1.96
N GLN B 480 -13.20 -38.22 1.58
CA GLN B 480 -13.22 -38.66 0.19
C GLN B 480 -14.66 -38.86 -0.31
N ASN B 481 -15.47 -39.54 0.49
CA ASN B 481 -16.94 -39.66 0.28
C ASN B 481 -17.63 -39.26 1.54
N PRO B 482 -17.85 -37.96 1.72
CA PRO B 482 -18.39 -37.50 2.99
C PRO B 482 -19.76 -38.05 3.30
N THR B 483 -20.00 -38.38 4.56
CA THR B 483 -21.35 -38.74 5.02
C THR B 483 -21.96 -37.72 5.96
N ASP B 484 -21.22 -36.65 6.28
CA ASP B 484 -21.70 -35.64 7.17
C ASP B 484 -21.10 -34.28 6.80
N ILE B 485 -21.69 -33.19 7.29
CA ILE B 485 -21.28 -31.85 6.94
C ILE B 485 -19.90 -31.50 7.53
N SER B 486 -19.50 -32.20 8.58
CA SER B 486 -18.15 -32.00 9.17
C SER B 486 -17.00 -32.27 8.22
N TYR B 487 -17.25 -32.86 7.04
CA TYR B 487 -16.14 -33.07 6.09
C TYR B 487 -15.49 -31.74 5.68
N VAL B 488 -16.29 -30.65 5.67
CA VAL B 488 -15.75 -29.36 5.26
C VAL B 488 -14.69 -28.78 6.18
N TYR B 489 -14.65 -29.20 7.44
CA TYR B 489 -13.54 -28.83 8.33
C TYR B 489 -12.84 -30.07 8.87
N SER B 490 -12.89 -31.17 8.10
CA SER B 490 -12.27 -32.42 8.49
C SER B 490 -12.54 -32.78 9.95
N GLY B 491 -13.77 -32.54 10.40
CA GLY B 491 -14.14 -32.93 11.78
C GLY B 491 -15.12 -32.02 12.45
N TYR B 492 -15.08 -30.75 12.11
CA TYR B 492 -16.00 -29.80 12.72
C TYR B 492 -17.19 -29.58 11.83
N ALA B 493 -18.36 -29.87 12.35
CA ALA B 493 -19.60 -29.62 11.68
C ALA B 493 -20.06 -28.20 11.96
N PRO B 494 -20.15 -27.34 10.93
CA PRO B 494 -20.57 -25.98 11.24
C PRO B 494 -21.87 -25.92 12.07
N LEU B 495 -21.83 -25.24 13.22
CA LEU B 495 -23.06 -25.12 14.06
C LEU B 495 -24.18 -24.52 13.26
N SER B 496 -23.85 -23.52 12.47
CA SER B 496 -24.86 -22.85 11.70
C SER B 496 -25.65 -23.80 10.83
N VAL B 497 -24.93 -24.60 10.03
CA VAL B 497 -25.53 -25.53 9.08
C VAL B 497 -26.20 -26.65 9.83
N ARG B 498 -25.64 -27.02 10.96
CA ARG B 498 -26.24 -28.08 11.76
C ARG B 498 -27.63 -27.63 12.18
N LEU B 499 -27.75 -26.36 12.56
CA LEU B 499 -29.03 -25.84 12.95
C LEU B 499 -30.01 -25.84 11.80
N ALA B 500 -29.51 -25.56 10.59
CA ALA B 500 -30.37 -25.61 9.41
C ALA B 500 -30.91 -27.03 9.23
N GLN B 501 -30.00 -27.97 9.37
CA GLN B 501 -30.29 -29.34 9.13
C GLN B 501 -31.33 -29.88 10.03
N LEU B 502 -31.19 -29.60 11.31
CA LEU B 502 -32.11 -30.11 12.31
C LEU B 502 -33.46 -29.40 12.30
N LEU B 503 -33.50 -28.17 11.80
CA LEU B 503 -34.72 -27.45 11.64
C LEU B 503 -35.55 -28.23 10.64
N SER B 504 -34.91 -28.67 9.58
CA SER B 504 -35.58 -29.42 8.54
C SER B 504 -36.00 -30.83 9.00
N ARG B 505 -35.17 -31.46 9.83
CA ARG B 505 -35.44 -32.81 10.32
C ARG B 505 -34.59 -33.13 11.58
N PRO B 506 -35.24 -33.47 12.69
CA PRO B 506 -36.66 -33.69 12.91
C PRO B 506 -37.41 -32.46 13.43
N GLY B 507 -36.81 -31.26 13.34
CA GLY B 507 -37.45 -30.02 13.79
C GLY B 507 -36.80 -29.49 15.05
N TRP B 508 -36.93 -28.19 15.29
CA TRP B 508 -36.20 -27.55 16.40
C TRP B 508 -36.76 -27.81 17.80
N ARG B 509 -37.91 -28.46 17.88
CA ARG B 509 -38.46 -28.76 19.19
C ARG B 509 -37.56 -29.82 19.81
N SER B 510 -37.05 -30.73 19.00
CA SER B 510 -36.15 -31.72 19.54
C SER B 510 -34.78 -31.15 20.03
N ILE B 511 -34.53 -29.84 19.90
CA ILE B 511 -33.31 -29.26 20.47
C ILE B 511 -33.52 -27.97 21.27
N GLU B 512 -34.67 -27.86 21.90
CA GLU B 512 -35.03 -26.68 22.66
C GLU B 512 -33.98 -26.29 23.74
N GLU B 513 -33.43 -27.24 24.48
CA GLU B 513 -32.47 -26.93 25.55
C GLU B 513 -31.18 -26.30 25.02
N VAL B 514 -30.79 -26.72 23.82
CA VAL B 514 -29.66 -26.11 23.17
C VAL B 514 -29.94 -24.72 22.61
N LEU B 515 -31.06 -24.57 21.93
CA LEU B 515 -31.45 -23.26 21.41
C LEU B 515 -31.49 -22.19 22.49
N ARG B 516 -31.99 -22.56 23.67
CA ARG B 516 -32.09 -21.61 24.79
C ARG B 516 -30.76 -21.10 25.32
N ILE B 517 -29.67 -21.82 25.12
CA ILE B 517 -28.37 -21.34 25.55
C ILE B 517 -27.56 -20.79 24.39
N LEU B 518 -28.23 -20.47 23.30
CA LEU B 518 -27.68 -19.72 22.20
C LEU B 518 -28.40 -18.38 22.09
N PRO B 519 -27.70 -17.34 21.64
CA PRO B 519 -28.17 -15.94 21.68
C PRO B 519 -29.47 -15.64 20.92
N GLY B 520 -30.29 -14.79 21.52
CA GLY B 520 -31.50 -14.30 20.89
C GLY B 520 -32.58 -15.35 20.74
N PRO B 521 -33.73 -14.94 20.20
CA PRO B 521 -34.90 -15.80 20.18
C PRO B 521 -34.92 -16.67 18.97
N HIS B 522 -35.67 -17.76 19.05
CA HIS B 522 -35.98 -18.58 17.89
C HIS B 522 -37.48 -18.45 17.69
N PHE B 523 -37.90 -18.29 16.46
CA PHE B 523 -39.30 -18.02 16.18
C PHE B 523 -39.67 -18.65 14.85
N GLU B 524 -40.97 -18.77 14.64
CA GLU B 524 -41.52 -18.97 13.33
C GLU B 524 -42.68 -18.00 13.11
N GLU B 525 -42.89 -17.62 11.86
CA GLU B 525 -43.98 -16.75 11.47
C GLU B 525 -44.50 -17.34 10.20
N ARG B 526 -45.75 -17.03 9.87
CA ARG B 526 -46.46 -17.55 8.70
C ARG B 526 -46.97 -16.36 7.92
N GLN B 527 -46.72 -16.34 6.62
CA GLN B 527 -47.29 -15.30 5.79
C GLN B 527 -48.44 -15.90 4.96
N PRO B 528 -49.64 -15.26 4.99
CA PRO B 528 -50.80 -15.84 4.31
C PRO B 528 -50.74 -15.80 2.76
N LEU B 529 -51.34 -16.77 2.10
CA LEU B 529 -51.39 -16.83 0.62
C LEU B 529 -52.82 -16.84 0.09
N PRO B 530 -53.07 -16.17 -1.06
CA PRO B 530 -54.36 -16.38 -1.76
C PRO B 530 -54.61 -17.81 -2.26
N ASN B 542 -38.76 -31.99 -3.17
CA ASN B 542 -37.96 -31.21 -2.25
C ASN B 542 -38.55 -29.80 -1.99
N ARG B 543 -38.77 -29.47 -0.72
CA ARG B 543 -38.88 -28.08 -0.30
C ARG B 543 -37.60 -27.27 -0.66
N VAL B 544 -37.78 -26.00 -0.97
CA VAL B 544 -36.65 -25.07 -1.12
C VAL B 544 -36.62 -24.10 0.02
N THR B 545 -35.49 -24.06 0.72
CA THR B 545 -35.30 -23.15 1.83
C THR B 545 -34.26 -22.12 1.45
N LEU B 546 -34.63 -20.85 1.68
CA LEU B 546 -33.75 -19.71 1.58
C LEU B 546 -33.12 -19.49 2.93
N ILE B 547 -31.80 -19.54 3.01
CA ILE B 547 -31.13 -19.44 4.29
C ILE B 547 -30.29 -18.19 4.29
N PHE B 548 -30.55 -17.29 5.23
CA PHE B 548 -30.04 -15.94 5.15
C PHE B 548 -29.11 -15.70 6.33
N PHE B 549 -27.78 -15.58 6.09
CA PHE B 549 -26.83 -15.39 7.16
C PHE B 549 -26.75 -13.91 7.37
N LEU B 550 -27.15 -13.48 8.56
CA LEU B 550 -27.12 -12.04 8.91
C LEU B 550 -25.85 -11.81 9.65
N GLY B 551 -24.87 -11.25 8.97
CA GLY B 551 -23.50 -11.06 9.52
C GLY B 551 -22.38 -11.85 8.86
N GLY B 552 -22.65 -12.51 7.75
CA GLY B 552 -21.60 -13.19 6.96
C GLY B 552 -21.65 -14.72 6.90
N VAL B 553 -21.21 -15.27 5.78
CA VAL B 553 -21.13 -16.71 5.64
C VAL B 553 -19.83 -17.11 4.94
N THR B 554 -19.33 -18.29 5.26
CA THR B 554 -18.10 -18.76 4.71
C THR B 554 -18.39 -19.70 3.54
N PHE B 555 -17.41 -19.88 2.66
CA PHE B 555 -17.58 -20.83 1.58
C PHE B 555 -17.77 -22.27 2.08
N ALA B 556 -17.09 -22.62 3.15
CA ALA B 556 -17.19 -23.94 3.74
C ALA B 556 -18.60 -24.22 4.22
N GLU B 557 -19.24 -23.25 4.86
CA GLU B 557 -20.65 -23.34 5.22
C GLU B 557 -21.52 -23.52 4.04
N ILE B 558 -21.25 -22.78 2.99
CA ILE B 558 -21.98 -22.93 1.76
C ILE B 558 -21.79 -24.40 1.20
N ALA B 559 -20.55 -24.86 1.12
CA ALA B 559 -20.30 -26.24 0.70
C ALA B 559 -21.10 -27.24 1.55
N ALA B 560 -21.27 -26.97 2.84
CA ALA B 560 -22.00 -27.89 3.68
C ALA B 560 -23.49 -27.88 3.42
N LEU B 561 -24.02 -26.70 3.10
CA LEU B 561 -25.42 -26.56 2.71
C LEU B 561 -25.68 -27.17 1.35
N ARG B 562 -24.74 -27.04 0.41
CA ARG B 562 -24.90 -27.79 -0.86
C ARG B 562 -24.83 -29.32 -0.64
N PHE B 563 -24.05 -29.76 0.34
CA PHE B 563 -24.02 -31.17 0.70
C PHE B 563 -25.42 -31.61 1.20
N LEU B 564 -26.04 -30.83 2.07
CA LEU B 564 -27.36 -31.22 2.54
C LEU B 564 -28.37 -31.27 1.39
N SER B 565 -28.30 -30.34 0.46
CA SER B 565 -29.23 -30.26 -0.64
C SER B 565 -29.15 -31.43 -1.60
N GLN B 566 -27.99 -32.10 -1.67
CA GLN B 566 -27.82 -33.21 -2.59
C GLN B 566 -28.02 -34.53 -1.87
N LEU B 567 -28.32 -34.55 -0.57
CA LEU B 567 -28.80 -35.80 0.02
C LEU B 567 -30.24 -35.97 -0.44
N GLU B 568 -30.58 -37.04 -1.14
CA GLU B 568 -32.00 -37.17 -1.59
C GLU B 568 -32.98 -37.37 -0.41
N ASP B 569 -32.53 -38.01 0.68
CA ASP B 569 -33.40 -38.27 1.83
C ASP B 569 -33.65 -37.01 2.68
N GLY B 570 -32.72 -36.04 2.66
CA GLY B 570 -32.79 -34.82 3.50
C GLY B 570 -33.98 -33.90 3.26
N GLY B 571 -34.61 -34.04 2.08
CA GLY B 571 -35.90 -33.41 1.78
C GLY B 571 -35.94 -31.88 1.78
N THR B 572 -34.78 -31.24 1.59
CA THR B 572 -34.69 -29.80 1.59
C THR B 572 -33.51 -29.37 0.74
N GLU B 573 -33.73 -28.40 -0.13
CA GLU B 573 -32.67 -27.80 -0.90
C GLU B 573 -32.47 -26.36 -0.45
N TYR B 574 -31.21 -25.91 -0.40
CA TYR B 574 -30.89 -24.63 0.13
C TYR B 574 -30.49 -23.64 -0.94
N VAL B 575 -30.96 -22.40 -0.82
CA VAL B 575 -30.43 -21.31 -1.60
C VAL B 575 -29.89 -20.38 -0.54
N ILE B 576 -28.61 -19.99 -0.70
CA ILE B 576 -27.93 -19.30 0.36
C ILE B 576 -27.93 -17.82 0.10
N ALA B 577 -28.30 -17.05 1.12
CA ALA B 577 -28.24 -15.61 1.08
C ALA B 577 -27.41 -15.12 2.28
N THR B 578 -26.75 -13.98 2.08
CA THR B 578 -25.90 -13.43 3.10
C THR B 578 -25.67 -11.96 2.94
N THR B 579 -25.34 -11.31 4.05
CA THR B 579 -25.00 -9.89 4.03
C THR B 579 -23.62 -9.73 3.44
N LYS B 580 -22.79 -10.79 3.50
CA LYS B 580 -21.42 -10.76 3.03
C LYS B 580 -20.79 -12.16 2.96
N LEU B 581 -20.06 -12.39 1.88
CA LEU B 581 -19.20 -13.53 1.79
C LEU B 581 -17.89 -13.17 2.47
N MET B 582 -17.53 -13.92 3.51
CA MET B 582 -16.33 -13.67 4.22
C MET B 582 -15.67 -14.94 4.72
N ASN B 583 -14.38 -14.76 5.12
CA ASN B 583 -13.63 -15.69 5.88
C ASN B 583 -13.13 -15.06 7.18
N GLY B 584 -12.52 -15.83 8.05
CA GLY B 584 -12.06 -15.35 9.31
C GLY B 584 -11.08 -14.20 9.20
N THR B 585 -10.27 -14.17 8.16
CA THR B 585 -9.33 -13.10 7.97
C THR B 585 -10.04 -11.78 7.63
N SER B 586 -10.91 -11.78 6.61
CA SER B 586 -11.66 -10.55 6.24
C SER B 586 -12.66 -10.16 7.31
N TRP B 587 -13.12 -11.12 8.08
CA TRP B 587 -14.11 -10.82 9.13
C TRP B 587 -13.47 -10.02 10.24
N ILE B 588 -12.31 -10.48 10.67
CA ILE B 588 -11.60 -9.77 11.68
C ILE B 588 -11.07 -8.44 11.16
N GLU B 589 -10.67 -8.38 9.91
CA GLU B 589 -10.15 -7.11 9.38
C GLU B 589 -11.23 -6.03 9.35
N ALA B 590 -12.47 -6.41 9.11
CA ALA B 590 -13.59 -5.45 9.13
C ALA B 590 -13.92 -4.96 10.54
N LEU B 591 -13.35 -5.60 11.55
CA LEU B 591 -13.41 -5.08 12.92
C LEU B 591 -12.17 -4.25 13.31
N MET B 592 -11.22 -4.08 12.38
CA MET B 592 -10.01 -3.29 12.65
C MET B 592 -10.20 -1.93 12.04
N GLU B 593 -9.48 -0.98 12.58
CA GLU B 593 -9.65 0.41 12.17
C GLU B 593 -8.87 0.64 10.88
N LYS B 594 -9.58 1.05 9.83
CA LYS B 594 -8.91 1.34 8.54
C LYS B 594 -8.10 2.64 8.74
N PRO B 595 -6.91 2.75 8.11
CA PRO B 595 -6.10 1.78 7.35
C PRO B 595 -5.18 0.91 8.22
N PHE B 596 -4.59 -0.14 7.66
CA PHE B 596 -3.76 -1.12 8.42
C PHE B 596 -2.25 -0.85 8.39
#